data_9IKD
#
_entry.id   9IKD
#
_cell.length_a   110.795
_cell.length_b   110.795
_cell.length_c   271.217
_cell.angle_alpha   90.000
_cell.angle_beta   90.000
_cell.angle_gamma   90.000
#
_symmetry.space_group_name_H-M   'P 43 21 2'
#
_entity_poly.entity_id   1
_entity_poly.type   'polypeptide(L)'
_entity_poly.pdbx_seq_one_letter_code
;GPELMVISRAEIYWADLGPPSGSQPAKRRPVLVIQSDPYNASRLATVIAAVITSNTALAAMPGNVFLPATTTRLPRDSVV
NVTAIVTLNKTDLTDRVGEVPASLMHEVDRGLRRVLDL
;
_entity_poly.pdbx_strand_id   A,B,C,D,E,F,G,H,I,J,L,K
#
# COMPACT_ATOMS: atom_id res chain seq x y z
N GLU A 3 15.18 32.03 17.08
CA GLU A 3 15.41 30.65 16.65
C GLU A 3 15.82 30.59 15.19
N LEU A 4 16.45 31.65 14.68
CA LEU A 4 16.83 31.70 13.28
C LEU A 4 18.17 31.03 13.04
N MET A 5 19.19 31.41 13.82
CA MET A 5 20.56 30.93 13.77
C MET A 5 21.08 30.75 12.34
N VAL A 6 21.99 29.80 12.16
CA VAL A 6 22.55 29.47 10.85
C VAL A 6 22.56 27.95 10.71
N ILE A 7 21.83 27.45 9.72
CA ILE A 7 21.77 26.01 9.46
C ILE A 7 23.09 25.55 8.85
N SER A 8 24.00 25.08 9.69
CA SER A 8 25.31 24.61 9.27
C SER A 8 25.42 23.11 9.48
N ARG A 9 26.31 22.50 8.71
CA ARG A 9 26.55 21.08 8.88
C ARG A 9 27.28 20.82 10.19
N ALA A 10 27.18 19.56 10.65
CA ALA A 10 27.79 19.08 11.89
C ALA A 10 27.07 19.64 13.12
N GLU A 11 26.09 20.51 12.91
CA GLU A 11 25.31 21.06 14.00
C GLU A 11 24.15 20.16 14.38
N ILE A 12 23.81 20.18 15.67
CA ILE A 12 22.72 19.40 16.23
C ILE A 12 21.56 20.34 16.53
N TYR A 13 20.36 19.96 16.12
CA TYR A 13 19.18 20.74 16.37
C TYR A 13 18.09 19.87 16.99
N TRP A 14 17.10 20.52 17.58
CA TRP A 14 15.88 19.86 18.00
C TRP A 14 14.85 20.02 16.88
N ALA A 15 14.10 18.96 16.62
CA ALA A 15 13.14 19.03 15.53
C ALA A 15 11.99 18.08 15.80
N ASP A 16 10.87 18.35 15.16
CA ASP A 16 9.66 17.54 15.29
C ASP A 16 9.61 16.55 14.14
N LEU A 17 9.72 15.26 14.46
CA LEU A 17 9.78 14.23 13.44
C LEU A 17 8.41 13.61 13.19
N LYS A 27 6.68 14.53 18.12
CA LYS A 27 7.89 13.86 18.60
C LYS A 27 9.12 14.73 18.39
N ARG A 28 9.51 15.47 19.42
CA ARG A 28 10.67 16.37 19.38
C ARG A 28 11.92 15.57 19.73
N ARG A 29 12.78 15.34 18.76
CA ARG A 29 14.00 14.57 18.89
C ARG A 29 15.17 15.37 18.34
N PRO A 30 16.40 15.00 18.71
CA PRO A 30 17.57 15.68 18.15
C PRO A 30 18.06 15.06 16.86
N VAL A 31 18.54 15.94 15.97
CA VAL A 31 19.01 15.54 14.66
C VAL A 31 20.34 16.23 14.38
N LEU A 32 21.16 15.55 13.59
CA LEU A 32 22.47 16.03 13.18
C LEU A 32 22.42 16.40 11.70
N VAL A 33 22.74 17.64 11.39
CA VAL A 33 22.67 18.11 10.00
C VAL A 33 23.80 17.46 9.21
N ILE A 34 23.44 16.76 8.14
CA ILE A 34 24.43 16.15 7.25
C ILE A 34 24.37 16.73 5.84
N GLN A 35 23.40 17.58 5.53
CA GLN A 35 23.36 18.25 4.25
C GLN A 35 24.52 19.22 4.13
N SER A 36 25.12 19.27 2.94
CA SER A 36 26.29 20.11 2.72
C SER A 36 25.94 21.58 2.84
N ASP A 37 26.93 22.38 3.26
CA ASP A 37 26.68 23.79 3.52
C ASP A 37 26.30 24.59 2.27
N PRO A 38 26.78 24.27 1.06
CA PRO A 38 26.21 24.93 -0.13
C PRO A 38 24.70 24.84 -0.21
N TYR A 39 24.14 23.63 -0.03
CA TYR A 39 22.69 23.49 -0.06
C TYR A 39 22.04 24.10 1.18
N ASN A 40 22.74 24.10 2.31
CA ASN A 40 22.19 24.69 3.52
C ASN A 40 22.01 26.20 3.36
N ALA A 41 22.96 26.85 2.67
CA ALA A 41 22.86 28.29 2.44
C ALA A 41 21.94 28.64 1.30
N SER A 42 21.66 27.69 0.41
CA SER A 42 20.76 27.93 -0.71
C SER A 42 19.34 28.14 -0.21
N ARG A 43 18.46 28.43 -1.17
CA ARG A 43 17.03 28.63 -0.94
C ARG A 43 16.29 27.31 -0.74
N LEU A 44 16.99 26.18 -0.76
CA LEU A 44 16.35 24.88 -0.56
C LEU A 44 15.60 24.86 0.77
N ALA A 45 14.30 24.60 0.71
CA ALA A 45 13.50 24.61 1.93
C ALA A 45 13.83 23.45 2.87
N THR A 46 14.36 22.36 2.33
CA THR A 46 14.63 21.15 3.08
C THR A 46 16.06 21.14 3.59
N VAL A 47 16.29 20.31 4.61
CA VAL A 47 17.63 20.04 5.13
C VAL A 47 17.67 18.58 5.56
N ILE A 48 18.67 17.86 5.08
CA ILE A 48 18.82 16.43 5.36
C ILE A 48 19.57 16.25 6.66
N ALA A 49 19.08 15.33 7.51
CA ALA A 49 19.67 15.13 8.82
C ALA A 49 19.57 13.66 9.21
N ALA A 50 20.49 13.25 10.09
CA ALA A 50 20.46 11.92 10.69
C ALA A 50 19.90 12.00 12.10
N VAL A 51 19.12 11.01 12.48
CA VAL A 51 18.46 11.02 13.78
C VAL A 51 19.47 10.63 14.86
N ILE A 52 19.39 11.30 16.02
CA ILE A 52 20.23 11.01 17.15
C ILE A 52 19.35 10.40 18.24
N THR A 53 19.69 9.19 18.66
CA THR A 53 18.94 8.48 19.69
C THR A 53 19.69 8.52 21.01
N SER A 54 18.95 8.38 22.11
CA SER A 54 19.57 8.25 23.42
C SER A 54 19.79 6.80 23.80
N ASN A 55 19.26 5.86 23.03
CA ASN A 55 19.53 4.44 23.22
C ASN A 55 20.95 4.12 22.78
N THR A 56 21.90 4.13 23.72
CA THR A 56 23.30 3.93 23.39
C THR A 56 23.59 2.52 22.88
N ALA A 57 22.67 1.58 23.05
CA ALA A 57 22.87 0.23 22.54
C ALA A 57 22.97 0.22 21.02
N LEU A 58 22.45 1.24 20.34
CA LEU A 58 22.59 1.33 18.90
C LEU A 58 24.00 1.67 18.46
N ALA A 59 24.89 1.99 19.40
CA ALA A 59 26.29 2.21 19.03
C ALA A 59 26.95 0.93 18.54
N ALA A 60 26.42 -0.23 18.91
CA ALA A 60 26.96 -1.49 18.41
C ALA A 60 26.66 -1.68 16.93
N MET A 61 25.53 -1.18 16.46
CA MET A 61 25.20 -1.23 15.04
C MET A 61 26.31 -0.57 14.22
N PRO A 62 26.80 -1.21 13.16
CA PRO A 62 27.94 -0.66 12.43
C PRO A 62 27.56 0.60 11.68
N GLY A 63 28.45 1.60 11.74
CA GLY A 63 28.24 2.88 11.11
C GLY A 63 27.74 3.96 12.06
N ASN A 64 26.92 3.59 13.05
CA ASN A 64 26.43 4.55 14.02
C ASN A 64 27.59 5.09 14.86
N VAL A 65 27.41 6.29 15.41
CA VAL A 65 28.51 7.01 16.06
C VAL A 65 28.08 7.46 17.45
N PHE A 66 28.84 7.06 18.48
CA PHE A 66 28.54 7.48 19.84
C PHE A 66 28.99 8.92 20.09
N LEU A 67 28.13 9.69 20.74
CA LEU A 67 28.36 11.10 21.04
C LEU A 67 28.21 11.33 22.53
N PRO A 68 29.30 11.58 23.27
CA PRO A 68 29.17 11.90 24.70
C PRO A 68 28.35 13.17 24.89
N ALA A 69 27.67 13.24 26.04
CA ALA A 69 26.89 14.43 26.35
C ALA A 69 27.78 15.63 26.65
N THR A 70 29.00 15.39 27.11
CA THR A 70 29.97 16.47 27.31
C THR A 70 30.40 17.10 26.00
N THR A 71 30.31 16.35 24.89
CA THR A 71 30.75 16.87 23.61
C THR A 71 29.65 17.62 22.87
N THR A 72 28.40 17.20 23.02
CA THR A 72 27.29 17.75 22.26
C THR A 72 26.43 18.72 23.05
N ARG A 73 26.64 18.82 24.37
CA ARG A 73 25.78 19.62 25.26
C ARG A 73 24.32 19.15 25.19
N LEU A 74 24.13 17.90 24.81
CA LEU A 74 22.84 17.24 24.80
C LEU A 74 22.51 16.72 26.20
N PRO A 75 21.22 16.45 26.48
CA PRO A 75 20.87 15.93 27.80
C PRO A 75 21.67 14.71 28.22
N ARG A 76 21.67 13.66 27.40
CA ARG A 76 22.32 12.41 27.73
C ARG A 76 23.32 12.03 26.65
N ASP A 77 24.09 10.97 26.92
CA ASP A 77 24.91 10.36 25.89
C ASP A 77 24.01 9.88 24.76
N SER A 78 24.49 10.01 23.53
CA SER A 78 23.64 9.77 22.38
C SER A 78 24.39 8.94 21.34
N VAL A 79 23.66 8.55 20.30
CA VAL A 79 24.21 7.82 19.17
C VAL A 79 23.58 8.36 17.90
N VAL A 80 24.42 8.72 16.94
CA VAL A 80 23.97 9.07 15.59
C VAL A 80 23.65 7.77 14.87
N ASN A 81 22.38 7.61 14.48
CA ASN A 81 21.92 6.43 13.74
C ASN A 81 21.98 6.80 12.27
N VAL A 82 23.02 6.34 11.58
CA VAL A 82 23.22 6.70 10.18
C VAL A 82 22.30 5.94 9.24
N THR A 83 21.52 4.99 9.74
CA THR A 83 20.49 4.33 8.94
C THR A 83 19.15 5.02 9.03
N ALA A 84 19.03 6.06 9.85
CA ALA A 84 17.78 6.79 10.06
C ALA A 84 18.01 8.23 9.57
N ILE A 85 17.73 8.45 8.29
CA ILE A 85 17.97 9.72 7.64
C ILE A 85 16.63 10.35 7.30
N VAL A 86 16.47 11.63 7.64
CA VAL A 86 15.21 12.35 7.45
C VAL A 86 15.48 13.66 6.73
N THR A 87 14.50 14.09 5.95
CA THR A 87 14.56 15.37 5.25
C THR A 87 13.51 16.29 5.86
N LEU A 88 13.98 17.35 6.53
CA LEU A 88 13.11 18.26 7.26
C LEU A 88 13.11 19.63 6.60
N ASN A 89 12.05 20.40 6.85
CA ASN A 89 12.05 21.80 6.47
C ASN A 89 12.99 22.58 7.38
N LYS A 90 13.73 23.52 6.79
CA LYS A 90 14.63 24.36 7.57
C LYS A 90 13.90 25.09 8.70
N THR A 91 12.59 25.32 8.54
CA THR A 91 11.82 25.93 9.60
C THR A 91 11.65 25.01 10.79
N ASP A 92 11.64 23.69 10.56
CA ASP A 92 11.44 22.73 11.64
C ASP A 92 12.58 22.71 12.63
N LEU A 93 13.75 23.22 12.26
CA LEU A 93 14.89 23.23 13.17
C LEU A 93 14.70 24.37 14.15
N THR A 94 14.56 24.03 15.43
CA THR A 94 14.31 25.03 16.46
C THR A 94 15.63 25.30 17.20
N ASP A 95 15.65 25.05 18.50
CA ASP A 95 16.85 25.32 19.29
C ASP A 95 18.06 24.58 18.74
N ARG A 96 19.18 25.29 18.63
CA ARG A 96 20.44 24.65 18.29
C ARG A 96 21.08 24.14 19.57
N VAL A 97 21.67 22.94 19.49
CA VAL A 97 22.24 22.27 20.65
C VAL A 97 23.75 22.44 20.72
N GLY A 98 24.42 22.41 19.59
CA GLY A 98 25.86 22.49 19.55
C GLY A 98 26.38 21.85 18.28
N GLU A 99 27.63 21.41 18.33
CA GLU A 99 28.30 20.92 17.14
C GLU A 99 29.10 19.67 17.45
N VAL A 100 29.18 18.79 16.45
CA VAL A 100 29.94 17.55 16.54
C VAL A 100 31.36 17.81 16.04
N PRO A 101 32.39 17.44 16.81
CA PRO A 101 33.77 17.67 16.36
C PRO A 101 34.06 17.01 15.03
N ALA A 102 35.13 17.48 14.38
CA ALA A 102 35.49 16.98 13.07
C ALA A 102 35.72 15.47 13.05
N SER A 103 36.36 14.93 14.10
CA SER A 103 36.68 13.51 14.13
C SER A 103 35.42 12.65 14.17
N LEU A 104 34.47 13.00 15.04
CA LEU A 104 33.26 12.20 15.15
C LEU A 104 32.38 12.39 13.92
N MET A 105 32.38 13.59 13.34
CA MET A 105 31.69 13.80 12.06
C MET A 105 32.34 13.01 10.94
N HIS A 106 33.66 12.81 11.00
CA HIS A 106 34.30 11.97 9.99
C HIS A 106 33.85 10.52 10.14
N GLU A 107 33.73 10.06 11.38
CA GLU A 107 33.18 8.73 11.59
C GLU A 107 31.76 8.64 11.05
N VAL A 108 30.96 9.70 11.25
CA VAL A 108 29.61 9.75 10.71
C VAL A 108 29.65 9.68 9.19
N ASP A 109 30.56 10.43 8.56
CA ASP A 109 30.72 10.41 7.11
C ASP A 109 31.03 9.02 6.60
N ARG A 110 31.94 8.32 7.27
CA ARG A 110 32.30 6.97 6.87
C ARG A 110 31.11 6.02 6.98
N GLY A 111 30.37 6.14 8.09
CA GLY A 111 29.15 5.33 8.22
C GLY A 111 28.14 5.61 7.13
N LEU A 112 27.96 6.89 6.78
CA LEU A 112 27.05 7.27 5.71
C LEU A 112 27.50 6.71 4.37
N ARG A 113 28.78 6.83 4.06
CA ARG A 113 29.31 6.28 2.83
C ARG A 113 29.10 4.77 2.77
N ARG A 114 29.22 4.10 3.91
CA ARG A 114 28.99 2.67 3.97
C ARG A 114 27.54 2.31 3.71
N VAL A 115 26.61 2.99 4.40
CA VAL A 115 25.20 2.60 4.28
C VAL A 115 24.61 3.06 2.96
N LEU A 116 25.23 4.02 2.29
CA LEU A 116 24.73 4.55 1.03
C LEU A 116 25.59 4.15 -0.16
N ASP A 117 26.59 3.29 0.05
CA ASP A 117 27.50 2.83 -1.00
C ASP A 117 28.15 4.01 -1.73
N LEU A 118 28.67 4.94 -0.95
CA LEU A 118 29.31 6.13 -1.52
C LEU A 118 30.78 6.21 -1.13
N MET B 5 17.34 -20.19 42.72
CA MET B 5 16.22 -19.49 43.35
C MET B 5 14.95 -19.57 42.51
N VAL B 6 14.27 -18.43 42.42
CA VAL B 6 13.00 -18.32 41.71
C VAL B 6 12.97 -16.97 41.01
N ILE B 7 12.66 -16.99 39.71
CA ILE B 7 12.39 -15.75 39.00
C ILE B 7 11.18 -15.09 39.66
N SER B 8 11.35 -13.85 40.11
CA SER B 8 10.28 -13.15 40.80
C SER B 8 9.83 -11.95 39.98
N ARG B 9 8.60 -11.52 40.22
CA ARG B 9 8.12 -10.32 39.55
C ARG B 9 8.88 -9.11 40.06
N ALA B 10 8.87 -8.05 39.26
CA ALA B 10 9.58 -6.79 39.50
C ALA B 10 11.08 -6.92 39.34
N GLU B 11 11.59 -8.11 39.07
CA GLU B 11 13.02 -8.30 38.89
C GLU B 11 13.43 -8.01 37.44
N ILE B 12 14.65 -7.50 37.29
CA ILE B 12 15.21 -7.17 35.99
C ILE B 12 16.28 -8.20 35.66
N TYR B 13 16.24 -8.71 34.43
CA TYR B 13 17.23 -9.67 33.97
C TYR B 13 17.77 -9.23 32.63
N TRP B 14 18.90 -9.81 32.24
CA TRP B 14 19.42 -9.68 30.89
C TRP B 14 18.92 -10.88 30.08
N ALA B 15 18.50 -10.62 28.86
CA ALA B 15 17.98 -11.70 28.03
C ALA B 15 18.24 -11.38 26.57
N ASP B 16 18.46 -12.43 25.78
CA ASP B 16 18.75 -12.29 24.36
C ASP B 16 17.42 -12.33 23.61
N LEU B 17 16.88 -11.15 23.30
CA LEU B 17 15.62 -11.05 22.58
C LEU B 17 15.75 -11.39 21.11
N GLY B 18 16.96 -11.31 20.55
CA GLY B 18 17.18 -11.70 19.18
C GLY B 18 17.16 -13.21 19.02
N PRO B 19 16.44 -13.69 17.99
CA PRO B 19 16.34 -15.13 17.71
C PRO B 19 17.66 -15.76 17.29
N LYS B 27 19.20 -8.69 20.07
CA LYS B 27 20.39 -9.04 20.83
C LYS B 27 20.09 -9.08 22.33
N ARG B 28 21.11 -8.78 23.14
CA ARG B 28 21.02 -8.88 24.59
C ARG B 28 20.53 -7.56 25.16
N ARG B 29 19.35 -7.56 25.76
CA ARG B 29 18.71 -6.37 26.30
C ARG B 29 18.13 -6.70 27.66
N PRO B 30 17.82 -5.68 28.47
CA PRO B 30 17.20 -5.92 29.77
C PRO B 30 15.68 -5.97 29.73
N VAL B 31 15.13 -6.84 30.58
CA VAL B 31 13.69 -7.06 30.65
C VAL B 31 13.26 -7.07 32.11
N LEU B 32 12.02 -6.63 32.33
CA LEU B 32 11.39 -6.59 33.64
C LEU B 32 10.32 -7.67 33.70
N VAL B 33 10.44 -8.57 34.67
CA VAL B 33 9.49 -9.67 34.80
C VAL B 33 8.16 -9.11 35.29
N ILE B 34 7.11 -9.36 34.52
CA ILE B 34 5.76 -8.94 34.89
C ILE B 34 4.83 -10.12 35.13
N GLN B 35 5.26 -11.34 34.85
CA GLN B 35 4.46 -12.52 35.16
C GLN B 35 4.37 -12.70 36.67
N SER B 36 3.18 -13.05 37.15
CA SER B 36 2.94 -13.19 38.58
C SER B 36 3.76 -14.33 39.17
N ASP B 37 4.09 -14.20 40.45
CA ASP B 37 4.94 -15.18 41.11
C ASP B 37 4.34 -16.58 41.18
N PRO B 38 3.02 -16.77 41.30
CA PRO B 38 2.49 -18.14 41.16
C PRO B 38 2.91 -18.83 39.88
N TYR B 39 2.77 -18.17 38.73
CA TYR B 39 3.20 -18.78 37.47
C TYR B 39 4.72 -18.87 37.39
N ASN B 40 5.42 -17.92 38.02
CA ASN B 40 6.88 -17.94 38.01
C ASN B 40 7.42 -19.15 38.76
N ALA B 41 6.77 -19.51 39.88
CA ALA B 41 7.20 -20.65 40.68
C ALA B 41 6.70 -21.98 40.13
N SER B 42 5.67 -21.97 39.30
CA SER B 42 5.15 -23.20 38.73
C SER B 42 6.18 -23.82 37.78
N ARG B 43 5.84 -24.99 37.25
CA ARG B 43 6.67 -25.70 36.30
C ARG B 43 6.57 -25.12 34.88
N LEU B 44 5.83 -24.02 34.72
CA LEU B 44 5.70 -23.34 33.43
C LEU B 44 7.06 -22.91 32.90
N ALA B 45 7.37 -23.33 31.66
CA ALA B 45 8.67 -23.02 31.08
C ALA B 45 8.84 -21.54 30.74
N THR B 46 7.76 -20.82 30.47
CA THR B 46 7.82 -19.44 30.00
C THR B 46 7.73 -18.43 31.14
N VAL B 47 8.18 -17.21 30.85
CA VAL B 47 8.03 -16.06 31.75
C VAL B 47 7.79 -14.82 30.90
N ILE B 48 6.73 -14.07 31.22
CA ILE B 48 6.35 -12.87 30.47
C ILE B 48 7.10 -11.67 31.03
N ALA B 49 7.61 -10.82 30.13
CA ALA B 49 8.41 -9.68 30.55
C ALA B 49 8.18 -8.50 29.62
N ALA B 50 8.41 -7.30 30.16
CA ALA B 50 8.38 -6.06 29.38
C ALA B 50 9.81 -5.61 29.08
N VAL B 51 10.02 -5.08 27.88
CA VAL B 51 11.35 -4.68 27.45
C VAL B 51 11.71 -3.34 28.08
N ILE B 52 12.98 -3.20 28.47
CA ILE B 52 13.50 -1.97 29.04
C ILE B 52 14.47 -1.36 28.04
N THR B 53 14.20 -0.12 27.63
CA THR B 53 15.05 0.60 26.69
C THR B 53 15.89 1.64 27.42
N SER B 54 17.02 2.00 26.81
CA SER B 54 17.84 3.09 27.33
C SER B 54 17.49 4.44 26.71
N ASN B 55 16.65 4.45 25.67
CA ASN B 55 16.14 5.68 25.09
C ASN B 55 15.11 6.30 26.02
N THR B 56 15.55 7.24 26.87
CA THR B 56 14.64 7.83 27.86
C THR B 56 13.55 8.68 27.23
N ALA B 57 13.66 9.00 25.94
CA ALA B 57 12.60 9.76 25.27
C ALA B 57 11.29 8.99 25.24
N LEU B 58 11.35 7.67 25.36
CA LEU B 58 10.13 6.86 25.43
C LEU B 58 9.39 7.03 26.74
N ALA B 59 9.96 7.74 27.71
CA ALA B 59 9.21 8.03 28.94
C ALA B 59 8.02 8.94 28.69
N ALA B 60 8.04 9.72 27.60
CA ALA B 60 6.90 10.56 27.27
C ALA B 60 5.70 9.73 26.81
N MET B 61 5.96 8.61 26.14
CA MET B 61 4.88 7.72 25.73
C MET B 61 4.07 7.29 26.95
N PRO B 62 2.74 7.37 26.89
CA PRO B 62 1.94 7.09 28.08
C PRO B 62 1.98 5.62 28.46
N GLY B 63 2.12 5.37 29.76
CA GLY B 63 2.20 4.03 30.30
C GLY B 63 3.62 3.59 30.61
N ASN B 64 4.59 4.03 29.82
CA ASN B 64 5.98 3.67 30.06
C ASN B 64 6.47 4.27 31.38
N VAL B 65 7.49 3.66 31.96
CA VAL B 65 7.91 4.03 33.32
C VAL B 65 9.41 4.30 33.35
N PHE B 66 9.80 5.48 33.83
CA PHE B 66 11.22 5.79 33.94
C PHE B 66 11.85 5.10 35.16
N LEU B 67 13.03 4.53 34.95
CA LEU B 67 13.76 3.81 35.99
C LEU B 67 15.17 4.38 36.10
N PRO B 68 15.49 5.10 37.18
CA PRO B 68 16.86 5.60 37.34
C PRO B 68 17.86 4.45 37.43
N ALA B 69 19.09 4.73 36.99
CA ALA B 69 20.15 3.73 37.07
C ALA B 69 20.58 3.48 38.50
N THR B 70 20.40 4.47 39.39
CA THR B 70 20.66 4.26 40.80
C THR B 70 19.65 3.31 41.42
N THR B 71 18.46 3.19 40.82
CA THR B 71 17.43 2.33 41.37
C THR B 71 17.53 0.90 40.85
N THR B 72 17.98 0.73 39.60
CA THR B 72 17.98 -0.57 38.95
C THR B 72 19.36 -1.22 38.92
N ARG B 73 20.41 -0.50 39.27
CA ARG B 73 21.80 -0.97 39.13
C ARG B 73 22.12 -1.36 37.69
N LEU B 74 21.36 -0.79 36.75
CA LEU B 74 21.56 -0.93 35.32
C LEU B 74 22.61 0.07 34.86
N PRO B 75 23.23 -0.16 33.69
CA PRO B 75 24.23 0.79 33.19
C PRO B 75 23.74 2.23 33.15
N ARG B 76 22.62 2.48 32.49
CA ARG B 76 22.12 3.84 32.30
C ARG B 76 20.70 3.97 32.85
N ASP B 77 20.20 5.21 32.87
CA ASP B 77 18.79 5.43 33.12
C ASP B 77 17.99 4.74 32.04
N SER B 78 16.84 4.18 32.42
CA SER B 78 16.11 3.31 31.51
C SER B 78 14.63 3.65 31.54
N VAL B 79 13.88 3.01 30.65
CA VAL B 79 12.43 3.17 30.58
C VAL B 79 11.81 1.81 30.29
N VAL B 80 10.84 1.43 31.11
CA VAL B 80 10.01 0.25 30.84
C VAL B 80 9.02 0.61 29.75
N ASN B 81 9.12 -0.09 28.61
CA ASN B 81 8.22 0.11 27.48
C ASN B 81 7.12 -0.93 27.63
N VAL B 82 5.97 -0.50 28.14
CA VAL B 82 4.87 -1.43 28.41
C VAL B 82 4.14 -1.86 27.16
N THR B 83 4.47 -1.29 25.99
CA THR B 83 3.93 -1.74 24.73
C THR B 83 4.79 -2.83 24.08
N ALA B 84 5.93 -3.16 24.67
CA ALA B 84 6.87 -4.14 24.14
C ALA B 84 6.96 -5.28 25.15
N ILE B 85 6.08 -6.28 24.98
CA ILE B 85 5.95 -7.40 25.90
C ILE B 85 6.42 -8.66 25.20
N VAL B 86 7.27 -9.43 25.88
CA VAL B 86 7.88 -10.64 25.31
C VAL B 86 7.68 -11.80 26.28
N THR B 87 7.56 -12.99 25.72
CA THR B 87 7.44 -14.23 26.49
C THR B 87 8.70 -15.04 26.26
N LEU B 88 9.51 -15.22 27.31
CA LEU B 88 10.80 -15.87 27.21
C LEU B 88 10.80 -17.17 28.00
N ASN B 89 11.72 -18.05 27.64
CA ASN B 89 11.99 -19.23 28.45
C ASN B 89 12.69 -18.82 29.74
N LYS B 90 12.29 -19.45 30.85
CA LYS B 90 12.95 -19.16 32.13
C LYS B 90 14.45 -19.40 32.05
N THR B 91 14.88 -20.30 31.15
CA THR B 91 16.30 -20.54 30.97
C THR B 91 16.99 -19.36 30.32
N ASP B 92 16.27 -18.60 29.48
CA ASP B 92 16.87 -17.46 28.78
C ASP B 92 17.28 -16.35 29.73
N LEU B 93 16.73 -16.33 30.94
CA LEU B 93 17.07 -15.30 31.91
C LEU B 93 18.42 -15.63 32.54
N THR B 94 19.40 -14.77 32.32
CA THR B 94 20.75 -15.00 32.79
C THR B 94 21.02 -14.17 34.03
N ASP B 95 21.98 -13.24 33.93
CA ASP B 95 22.32 -12.40 35.07
C ASP B 95 21.11 -11.63 35.57
N ARG B 96 20.90 -11.63 36.88
CA ARG B 96 19.90 -10.78 37.48
C ARG B 96 20.53 -9.42 37.74
N VAL B 97 19.78 -8.36 37.48
CA VAL B 97 20.30 -7.00 37.59
C VAL B 97 19.86 -6.34 38.89
N GLY B 98 18.64 -6.61 39.33
CA GLY B 98 18.10 -5.99 40.52
C GLY B 98 16.59 -6.00 40.48
N GLU B 99 15.99 -5.09 41.23
CA GLU B 99 14.54 -5.10 41.40
C GLU B 99 13.99 -3.68 41.36
N VAL B 100 12.76 -3.57 40.87
CA VAL B 100 12.05 -2.29 40.78
C VAL B 100 11.25 -2.09 42.06
N PRO B 101 11.38 -0.95 42.72
CA PRO B 101 10.62 -0.69 43.94
C PRO B 101 9.12 -0.77 43.71
N ALA B 102 8.38 -0.95 44.82
CA ALA B 102 6.94 -1.08 44.76
C ALA B 102 6.28 0.15 44.12
N SER B 103 6.78 1.34 44.45
CA SER B 103 6.17 2.56 43.93
C SER B 103 6.25 2.63 42.41
N LEU B 104 7.42 2.32 41.84
CA LEU B 104 7.56 2.31 40.39
C LEU B 104 6.86 1.12 39.75
N MET B 105 6.85 -0.02 40.43
CA MET B 105 6.12 -1.16 39.91
C MET B 105 4.63 -0.89 39.84
N HIS B 106 4.11 -0.03 40.73
CA HIS B 106 2.70 0.36 40.62
C HIS B 106 2.46 1.15 39.34
N GLU B 107 3.38 2.05 38.99
CA GLU B 107 3.27 2.76 37.71
C GLU B 107 3.32 1.78 36.55
N VAL B 108 4.20 0.78 36.64
CA VAL B 108 4.28 -0.24 35.59
C VAL B 108 2.94 -0.99 35.48
N ASP B 109 2.37 -1.36 36.62
CA ASP B 109 1.08 -2.06 36.64
C ASP B 109 -0.01 -1.23 35.98
N ARG B 110 -0.10 0.05 36.35
CA ARG B 110 -1.13 0.90 35.77
C ARG B 110 -0.93 1.07 34.27
N GLY B 111 0.32 1.26 33.84
CA GLY B 111 0.59 1.32 32.41
C GLY B 111 0.18 0.07 31.68
N LEU B 112 0.47 -1.10 32.27
CA LEU B 112 0.09 -2.37 31.66
C LEU B 112 -1.43 -2.48 31.55
N ARG B 113 -2.14 -2.14 32.63
CA ARG B 113 -3.60 -2.16 32.58
C ARG B 113 -4.12 -1.23 31.50
N ARG B 114 -3.46 -0.08 31.32
CA ARG B 114 -3.89 0.86 30.29
C ARG B 114 -3.69 0.27 28.90
N VAL B 115 -2.52 -0.30 28.63
CA VAL B 115 -2.22 -0.76 27.28
C VAL B 115 -2.96 -2.06 26.95
N LEU B 116 -3.42 -2.80 27.98
CA LEU B 116 -4.08 -4.07 27.77
C LEU B 116 -5.57 -4.01 28.06
N ASP B 117 -6.12 -2.82 28.34
CA ASP B 117 -7.53 -2.64 28.66
C ASP B 117 -7.97 -3.56 29.79
N LEU B 118 -7.17 -3.56 30.86
CA LEU B 118 -7.46 -4.40 32.02
C LEU B 118 -7.66 -3.55 33.28
N PRO C 2 -8.81 17.38 -3.71
CA PRO C 2 -7.76 16.58 -3.09
C PRO C 2 -7.78 15.12 -3.53
N GLU C 3 -6.60 14.54 -3.72
CA GLU C 3 -6.51 13.17 -4.22
C GLU C 3 -7.14 12.19 -3.23
N LEU C 4 -6.73 12.26 -1.97
CA LEU C 4 -7.29 11.44 -0.90
C LEU C 4 -7.74 12.38 0.21
N MET C 5 -8.99 12.82 0.14
CA MET C 5 -9.54 13.73 1.13
C MET C 5 -9.45 13.11 2.51
N VAL C 6 -8.85 13.85 3.44
CA VAL C 6 -8.74 13.40 4.82
C VAL C 6 -10.11 13.53 5.47
N ILE C 7 -11.03 12.61 5.13
CA ILE C 7 -12.34 12.59 5.75
C ILE C 7 -12.16 12.27 7.21
N SER C 8 -12.49 13.22 8.08
CA SER C 8 -12.34 13.11 9.51
C SER C 8 -13.71 13.16 10.15
N ARG C 9 -13.81 12.60 11.35
CA ARG C 9 -15.05 12.60 12.09
C ARG C 9 -15.37 14.02 12.57
N ALA C 10 -16.64 14.24 12.87
CA ALA C 10 -17.24 15.49 13.32
C ALA C 10 -17.29 16.53 12.21
N GLU C 11 -16.76 16.22 11.03
CA GLU C 11 -16.75 17.15 9.91
C GLU C 11 -18.07 17.09 9.15
N ILE C 12 -18.45 18.24 8.60
CA ILE C 12 -19.68 18.40 7.83
C ILE C 12 -19.30 18.50 6.36
N TYR C 13 -20.00 17.77 5.52
CA TYR C 13 -19.78 17.83 4.08
C TYR C 13 -21.11 18.00 3.37
N TRP C 14 -21.03 18.43 2.11
CA TRP C 14 -22.17 18.41 1.21
C TRP C 14 -22.11 17.14 0.39
N ALA C 15 -23.23 16.43 0.32
CA ALA C 15 -23.27 15.13 -0.34
C ALA C 15 -24.48 15.04 -1.25
N ASP C 16 -24.27 14.45 -2.43
CA ASP C 16 -25.34 14.20 -3.39
C ASP C 16 -26.02 12.91 -2.98
N LEU C 17 -27.08 13.03 -2.21
CA LEU C 17 -27.86 11.87 -1.78
C LEU C 17 -28.76 11.34 -2.89
N GLY C 18 -28.54 11.78 -4.13
CA GLY C 18 -29.31 11.32 -5.26
C GLY C 18 -28.78 10.03 -5.82
N PRO C 19 -28.66 9.94 -7.15
CA PRO C 19 -28.22 8.75 -7.90
C PRO C 19 -27.00 8.05 -7.30
N ARG C 28 -28.81 17.27 -2.97
CA ARG C 28 -27.59 17.75 -2.32
C ARG C 28 -27.91 18.26 -0.92
N ARG C 29 -27.44 17.54 0.10
CA ARG C 29 -27.76 17.87 1.49
C ARG C 29 -26.50 17.82 2.33
N PRO C 30 -26.51 18.48 3.50
CA PRO C 30 -25.34 18.38 4.38
C PRO C 30 -25.41 17.18 5.31
N VAL C 31 -24.24 16.60 5.57
CA VAL C 31 -24.13 15.41 6.41
C VAL C 31 -22.97 15.59 7.37
N LEU C 32 -23.11 14.97 8.55
CA LEU C 32 -22.10 14.98 9.59
C LEU C 32 -21.46 13.60 9.66
N VAL C 33 -20.14 13.54 9.50
CA VAL C 33 -19.43 12.27 9.51
C VAL C 33 -19.42 11.72 10.92
N ILE C 34 -19.95 10.51 11.10
CA ILE C 34 -19.92 9.83 12.38
C ILE C 34 -19.09 8.56 12.35
N GLN C 35 -18.63 8.13 11.17
CA GLN C 35 -17.75 6.97 11.09
C GLN C 35 -16.42 7.30 11.75
N SER C 36 -15.89 6.33 12.50
CA SER C 36 -14.67 6.56 13.25
C SER C 36 -13.48 6.78 12.32
N ASP C 37 -12.50 7.53 12.81
CA ASP C 37 -11.35 7.87 11.99
C ASP C 37 -10.51 6.66 11.57
N PRO C 38 -10.39 5.59 12.36
CA PRO C 38 -9.75 4.38 11.82
C PRO C 38 -10.37 3.90 10.51
N TYR C 39 -11.70 3.78 10.46
CA TYR C 39 -12.33 3.36 9.21
C TYR C 39 -12.24 4.44 8.15
N ASN C 40 -12.23 5.72 8.57
CA ASN C 40 -12.11 6.81 7.60
C ASN C 40 -10.75 6.78 6.90
N ALA C 41 -9.69 6.43 7.63
CA ALA C 41 -8.36 6.38 7.07
C ALA C 41 -8.09 5.09 6.31
N SER C 42 -8.87 4.04 6.58
CA SER C 42 -8.68 2.77 5.89
C SER C 42 -9.05 2.92 4.42
N ARG C 43 -8.85 1.84 3.67
CA ARG C 43 -9.17 1.76 2.25
C ARG C 43 -10.67 1.57 2.01
N LEU C 44 -11.47 1.56 3.07
CA LEU C 44 -12.92 1.41 2.96
C LEU C 44 -13.53 2.50 2.08
N ALA C 45 -14.27 2.10 1.06
CA ALA C 45 -14.86 3.07 0.13
C ALA C 45 -15.99 3.88 0.75
N THR C 46 -16.67 3.35 1.76
CA THR C 46 -17.85 3.99 2.32
C THR C 46 -17.51 4.87 3.52
N VAL C 47 -18.44 5.77 3.85
CA VAL C 47 -18.36 6.59 5.06
C VAL C 47 -19.78 6.78 5.60
N ILE C 48 -19.97 6.47 6.89
CA ILE C 48 -21.27 6.57 7.54
C ILE C 48 -21.45 7.98 8.08
N ALA C 49 -22.64 8.54 7.86
CA ALA C 49 -22.91 9.92 8.25
C ALA C 49 -24.36 10.07 8.66
N ALA C 50 -24.62 11.07 9.49
CA ALA C 50 -25.97 11.45 9.87
C ALA C 50 -26.41 12.68 9.07
N VAL C 51 -27.67 12.68 8.66
CA VAL C 51 -28.18 13.76 7.82
C VAL C 51 -28.45 14.98 8.67
N ILE C 52 -28.14 16.16 8.12
CA ILE C 52 -28.38 17.43 8.78
C ILE C 52 -29.51 18.12 8.04
N THR C 53 -30.59 18.43 8.76
CA THR C 53 -31.74 19.09 8.17
C THR C 53 -31.75 20.57 8.54
N SER C 54 -32.41 21.37 7.70
CA SER C 54 -32.61 22.77 8.02
C SER C 54 -33.93 23.02 8.72
N ASN C 55 -34.80 22.01 8.75
CA ASN C 55 -36.04 22.08 9.52
C ASN C 55 -35.73 21.94 11.01
N THR C 56 -35.58 23.06 11.70
CA THR C 56 -35.20 23.03 13.11
C THR C 56 -36.27 22.41 14.00
N ALA C 57 -37.49 22.23 13.49
CA ALA C 57 -38.54 21.61 14.29
C ALA C 57 -38.19 20.17 14.67
N LEU C 58 -37.30 19.53 13.93
CA LEU C 58 -36.87 18.18 14.28
C LEU C 58 -35.97 18.17 15.51
N ALA C 59 -35.57 19.33 16.03
CA ALA C 59 -34.82 19.36 17.28
C ALA C 59 -35.64 18.84 18.45
N ALA C 60 -36.97 18.86 18.33
CA ALA C 60 -37.82 18.30 19.38
C ALA C 60 -37.71 16.77 19.42
N MET C 61 -37.51 16.15 18.27
CA MET C 61 -37.30 14.71 18.23
C MET C 61 -36.12 14.33 19.13
N PRO C 62 -36.27 13.34 20.00
CA PRO C 62 -35.21 13.05 20.98
C PRO C 62 -33.98 12.47 20.31
N GLY C 63 -32.82 12.93 20.76
CA GLY C 63 -31.54 12.51 20.23
C GLY C 63 -30.93 13.47 19.22
N ASN C 64 -31.76 14.14 18.43
CA ASN C 64 -31.28 15.09 17.45
C ASN C 64 -30.61 16.28 18.15
N VAL C 65 -29.70 16.94 17.43
CA VAL C 65 -28.85 17.97 18.04
C VAL C 65 -28.92 19.24 17.21
N PHE C 66 -29.30 20.35 17.84
CA PHE C 66 -29.35 21.62 17.13
C PHE C 66 -27.97 22.21 16.95
N LEU C 67 -27.69 22.71 15.75
CA LEU C 67 -26.40 23.29 15.40
C LEU C 67 -26.61 24.70 14.87
N PRO C 68 -26.23 25.73 15.63
CA PRO C 68 -26.34 27.10 15.11
C PRO C 68 -25.45 27.28 13.88
N ALA C 69 -25.87 28.20 13.01
CA ALA C 69 -25.09 28.45 11.79
C ALA C 69 -23.76 29.13 12.11
N THR C 70 -23.67 29.82 13.23
CA THR C 70 -22.39 30.38 13.67
C THR C 70 -21.40 29.30 14.06
N THR C 71 -21.88 28.12 14.42
CA THR C 71 -21.00 27.03 14.86
C THR C 71 -20.53 26.17 13.69
N THR C 72 -21.35 26.00 12.66
CA THR C 72 -21.07 25.09 11.57
C THR C 72 -20.59 25.77 10.31
N ARG C 73 -20.67 27.11 10.24
CA ARG C 73 -20.38 27.87 9.03
C ARG C 73 -21.27 27.46 7.85
N LEU C 74 -22.43 26.88 8.15
CA LEU C 74 -23.49 26.49 7.23
C LEU C 74 -24.39 27.69 6.96
N PRO C 75 -25.11 27.68 5.84
CA PRO C 75 -26.03 28.80 5.53
C PRO C 75 -27.01 29.10 6.66
N ARG C 76 -27.74 28.11 7.14
CA ARG C 76 -28.79 28.32 8.13
C ARG C 76 -28.52 27.51 9.39
N ASP C 77 -29.32 27.78 10.42
CA ASP C 77 -29.34 26.91 11.58
C ASP C 77 -29.82 25.52 11.17
N SER C 78 -29.26 24.50 11.79
CA SER C 78 -29.51 23.14 11.33
C SER C 78 -29.77 22.23 12.52
N VAL C 79 -30.12 20.98 12.21
CA VAL C 79 -30.33 19.95 13.22
C VAL C 79 -29.75 18.64 12.69
N VAL C 80 -28.90 18.01 13.49
CA VAL C 80 -28.43 16.66 13.21
C VAL C 80 -29.53 15.69 13.57
N ASN C 81 -30.03 14.97 12.56
CA ASN C 81 -31.08 13.97 12.72
C ASN C 81 -30.40 12.62 12.89
N VAL C 82 -30.30 12.17 14.14
CA VAL C 82 -29.60 10.91 14.42
C VAL C 82 -30.43 9.69 14.06
N THR C 83 -31.68 9.88 13.65
CA THR C 83 -32.50 8.78 13.14
C THR C 83 -32.37 8.62 11.63
N ALA C 84 -31.64 9.50 10.98
CA ALA C 84 -31.45 9.48 9.53
C ALA C 84 -29.96 9.26 9.26
N ILE C 85 -29.55 8.00 9.18
CA ILE C 85 -28.16 7.63 9.01
C ILE C 85 -27.99 7.01 7.63
N VAL C 86 -26.97 7.47 6.91
CA VAL C 86 -26.73 7.04 5.54
C VAL C 86 -25.28 6.61 5.38
N THR C 87 -25.06 5.66 4.47
CA THR C 87 -23.72 5.18 4.14
C THR C 87 -23.38 5.66 2.74
N LEU C 88 -22.44 6.59 2.64
CA LEU C 88 -22.08 7.22 1.39
C LEU C 88 -20.69 6.78 0.94
N ASN C 89 -20.44 6.92 -0.36
CA ASN C 89 -19.09 6.74 -0.88
C ASN C 89 -18.25 7.94 -0.52
N LYS C 90 -16.99 7.68 -0.16
CA LYS C 90 -16.08 8.78 0.19
C LYS C 90 -15.94 9.77 -0.96
N THR C 91 -16.17 9.31 -2.19
CA THR C 91 -16.11 10.21 -3.33
C THR C 91 -17.28 11.19 -3.33
N ASP C 92 -18.43 10.78 -2.77
CA ASP C 92 -19.61 11.64 -2.78
C ASP C 92 -19.43 12.88 -1.91
N LEU C 93 -18.47 12.89 -1.00
CA LEU C 93 -18.23 14.04 -0.14
C LEU C 93 -17.46 15.10 -0.92
N THR C 94 -18.08 16.27 -1.11
CA THR C 94 -17.47 17.33 -1.89
C THR C 94 -16.90 18.40 -0.97
N ASP C 95 -17.43 19.61 -1.08
CA ASP C 95 -16.96 20.72 -0.25
C ASP C 95 -17.12 20.37 1.22
N ARG C 96 -16.06 20.63 1.99
CA ARG C 96 -16.16 20.53 3.44
C ARG C 96 -16.68 21.85 3.97
N VAL C 97 -17.55 21.78 4.96
CA VAL C 97 -18.20 22.96 5.52
C VAL C 97 -17.51 23.41 6.81
N GLY C 98 -17.06 22.47 7.60
CA GLY C 98 -16.44 22.77 8.88
C GLY C 98 -16.56 21.58 9.80
N GLU C 99 -16.51 21.86 11.10
CA GLU C 99 -16.46 20.81 12.10
C GLU C 99 -17.36 21.16 13.28
N VAL C 100 -17.91 20.13 13.90
CA VAL C 100 -18.78 20.29 15.06
C VAL C 100 -17.91 20.24 16.32
N PRO C 101 -18.03 21.23 17.21
CA PRO C 101 -17.23 21.23 18.44
C PRO C 101 -17.46 19.99 19.29
N ALA C 102 -16.50 19.75 20.18
CA ALA C 102 -16.52 18.55 21.02
C ALA C 102 -17.79 18.46 21.85
N SER C 103 -18.25 19.57 22.43
CA SER C 103 -19.43 19.49 23.29
C SER C 103 -20.65 19.03 22.51
N LEU C 104 -20.91 19.68 21.37
CA LEU C 104 -22.06 19.30 20.58
C LEU C 104 -21.87 17.93 19.96
N MET C 105 -20.63 17.58 19.62
CA MET C 105 -20.37 16.24 19.13
C MET C 105 -20.64 15.19 20.22
N HIS C 106 -20.41 15.55 21.49
CA HIS C 106 -20.76 14.66 22.58
C HIS C 106 -22.27 14.49 22.67
N GLU C 107 -23.00 15.57 22.47
CA GLU C 107 -24.46 15.44 22.42
C GLU C 107 -24.88 14.51 21.28
N VAL C 108 -24.24 14.64 20.12
CA VAL C 108 -24.54 13.77 18.99
C VAL C 108 -24.22 12.31 19.33
N ASP C 109 -23.09 12.07 19.98
CA ASP C 109 -22.72 10.72 20.38
C ASP C 109 -23.77 10.09 21.27
N ARG C 110 -24.23 10.84 22.29
CA ARG C 110 -25.24 10.30 23.18
C ARG C 110 -26.54 10.03 22.44
N GLY C 111 -26.94 10.93 21.55
CA GLY C 111 -28.14 10.68 20.75
C GLY C 111 -28.02 9.42 19.92
N LEU C 112 -26.86 9.21 19.30
CA LEU C 112 -26.62 8.02 18.50
C LEU C 112 -26.72 6.76 19.37
N ARG C 113 -26.08 6.80 20.55
CA ARG C 113 -26.16 5.67 21.46
C ARG C 113 -27.60 5.38 21.85
N ARG C 114 -28.41 6.43 22.04
CA ARG C 114 -29.81 6.23 22.38
C ARG C 114 -30.57 5.58 21.23
N VAL C 115 -30.41 6.09 20.02
CA VAL C 115 -31.22 5.59 18.91
C VAL C 115 -30.74 4.22 18.43
N LEU C 116 -29.50 3.83 18.75
CA LEU C 116 -28.96 2.55 18.31
C LEU C 116 -28.80 1.55 19.44
N ASP C 117 -29.26 1.89 20.65
CA ASP C 117 -29.14 1.02 21.83
C ASP C 117 -27.69 0.59 22.05
N LEU C 118 -26.79 1.57 22.02
CA LEU C 118 -25.37 1.31 22.20
C LEU C 118 -24.82 2.05 23.41
N MET D 5 11.43 -26.12 3.75
CA MET D 5 12.70 -25.91 4.43
C MET D 5 13.39 -24.65 3.94
N VAL D 6 14.44 -24.23 4.63
CA VAL D 6 15.18 -23.03 4.28
C VAL D 6 16.32 -23.43 3.34
N ILE D 7 16.29 -22.88 2.12
CA ILE D 7 17.36 -23.09 1.16
C ILE D 7 18.33 -21.93 1.27
N SER D 8 19.62 -22.25 1.37
CA SER D 8 20.66 -21.25 1.53
C SER D 8 21.76 -21.48 0.51
N ARG D 9 22.50 -20.42 0.20
CA ARG D 9 23.61 -20.56 -0.73
C ARG D 9 24.72 -21.40 -0.09
N ALA D 10 25.57 -21.96 -0.93
CA ALA D 10 26.68 -22.85 -0.59
C ALA D 10 26.21 -24.21 -0.11
N GLU D 11 24.91 -24.45 0.00
CA GLU D 11 24.40 -25.75 0.43
C GLU D 11 24.29 -26.71 -0.75
N ILE D 12 24.48 -28.00 -0.46
CA ILE D 12 24.41 -29.05 -1.46
C ILE D 12 23.13 -29.85 -1.25
N TYR D 13 22.40 -30.09 -2.34
CA TYR D 13 21.18 -30.87 -2.28
C TYR D 13 21.19 -31.95 -3.35
N TRP D 14 20.31 -32.93 -3.19
CA TRP D 14 20.04 -33.90 -4.24
C TRP D 14 18.81 -33.46 -5.02
N ALA D 15 18.88 -33.58 -6.35
CA ALA D 15 17.77 -33.11 -7.16
C ALA D 15 17.71 -33.91 -8.46
N ASP D 16 16.51 -33.98 -9.03
CA ASP D 16 16.29 -34.67 -10.29
C ASP D 16 16.41 -33.68 -11.43
N LEU D 17 17.38 -33.91 -12.30
CA LEU D 17 17.68 -32.99 -13.39
C LEU D 17 17.04 -33.46 -14.69
N LYS D 27 19.21 -37.48 -14.43
CA LYS D 27 18.88 -38.34 -13.30
C LYS D 27 18.92 -37.59 -11.99
N ARG D 28 19.08 -38.32 -10.89
CA ARG D 28 19.20 -37.74 -9.55
C ARG D 28 20.68 -37.45 -9.30
N ARG D 29 21.02 -36.17 -9.21
CA ARG D 29 22.40 -35.73 -9.07
C ARG D 29 22.49 -34.68 -7.97
N PRO D 30 23.70 -34.45 -7.45
CA PRO D 30 23.89 -33.37 -6.48
C PRO D 30 24.14 -32.03 -7.13
N VAL D 31 23.62 -31.00 -6.49
CA VAL D 31 23.73 -29.63 -6.99
C VAL D 31 24.12 -28.72 -5.82
N LEU D 32 24.85 -27.66 -6.17
CA LEU D 32 25.30 -26.66 -5.21
C LEU D 32 24.50 -25.38 -5.45
N VAL D 33 23.82 -24.91 -4.41
CA VAL D 33 23.00 -23.72 -4.55
C VAL D 33 23.91 -22.51 -4.70
N ILE D 34 23.73 -21.78 -5.80
CA ILE D 34 24.47 -20.56 -6.05
C ILE D 34 23.58 -19.33 -6.08
N GLN D 35 22.27 -19.50 -6.03
CA GLN D 35 21.36 -18.36 -5.96
C GLN D 35 21.54 -17.65 -4.61
N SER D 36 21.54 -16.33 -4.65
CA SER D 36 21.79 -15.54 -3.46
C SER D 36 20.66 -15.72 -2.44
N ASP D 37 21.01 -15.58 -1.17
CA ASP D 37 20.03 -15.83 -0.11
C ASP D 37 18.86 -14.85 -0.12
N PRO D 38 19.00 -13.58 -0.52
CA PRO D 38 17.80 -12.75 -0.72
C PRO D 38 16.76 -13.39 -1.64
N TYR D 39 17.18 -13.88 -2.81
CA TYR D 39 16.23 -14.54 -3.70
C TYR D 39 15.78 -15.88 -3.15
N ASN D 40 16.63 -16.56 -2.37
CA ASN D 40 16.25 -17.83 -1.79
C ASN D 40 15.13 -17.66 -0.77
N ALA D 41 15.17 -16.58 0.02
CA ALA D 41 14.14 -16.32 1.01
C ALA D 41 12.90 -15.68 0.41
N SER D 42 13.02 -15.09 -0.78
CA SER D 42 11.90 -14.45 -1.43
C SER D 42 10.84 -15.48 -1.85
N ARG D 43 9.76 -14.98 -2.41
CA ARG D 43 8.64 -15.78 -2.90
C ARG D 43 8.94 -16.46 -4.24
N LEU D 44 10.14 -16.28 -4.77
CA LEU D 44 10.56 -16.91 -6.02
C LEU D 44 10.51 -18.43 -5.93
N ALA D 45 9.78 -19.05 -6.88
CA ALA D 45 9.63 -20.51 -6.86
C ALA D 45 10.92 -21.24 -7.23
N THR D 46 11.79 -20.62 -8.00
CA THR D 46 12.98 -21.27 -8.54
C THR D 46 14.21 -21.05 -7.67
N VAL D 47 15.22 -21.89 -7.89
CA VAL D 47 16.54 -21.75 -7.26
C VAL D 47 17.60 -22.17 -8.27
N ILE D 48 18.60 -21.31 -8.48
CA ILE D 48 19.67 -21.55 -9.44
C ILE D 48 20.78 -22.35 -8.77
N ALA D 49 21.30 -23.35 -9.47
CA ALA D 49 22.30 -24.22 -8.87
C ALA D 49 23.29 -24.69 -9.93
N ALA D 50 24.49 -25.04 -9.49
CA ALA D 50 25.50 -25.64 -10.34
C ALA D 50 25.55 -27.14 -10.10
N VAL D 51 25.73 -27.90 -11.18
CA VAL D 51 25.73 -29.35 -11.07
C VAL D 51 27.07 -29.82 -10.54
N ILE D 52 27.04 -30.83 -9.68
CA ILE D 52 28.22 -31.45 -9.10
C ILE D 52 28.37 -32.82 -9.71
N THR D 53 29.51 -33.06 -10.34
CA THR D 53 29.79 -34.35 -10.97
C THR D 53 30.75 -35.16 -10.11
N SER D 54 30.70 -36.48 -10.28
CA SER D 54 31.66 -37.36 -9.63
C SER D 54 32.86 -37.64 -10.52
N ASN D 55 32.80 -37.27 -11.80
CA ASN D 55 33.91 -37.37 -12.72
C ASN D 55 34.93 -36.28 -12.40
N THR D 56 35.95 -36.62 -11.58
CA THR D 56 36.93 -35.63 -11.15
C THR D 56 37.78 -35.09 -12.29
N ALA D 57 37.76 -35.74 -13.46
CA ALA D 57 38.53 -35.24 -14.59
C ALA D 57 38.05 -33.87 -15.05
N LEU D 58 36.81 -33.50 -14.72
CA LEU D 58 36.30 -32.18 -15.05
C LEU D 58 36.94 -31.09 -14.19
N ALA D 59 37.74 -31.45 -13.19
CA ALA D 59 38.46 -30.44 -12.42
C ALA D 59 39.50 -29.73 -13.27
N ALA D 60 39.95 -30.36 -14.37
CA ALA D 60 40.88 -29.70 -15.28
C ALA D 60 40.21 -28.57 -16.04
N MET D 61 38.93 -28.72 -16.35
CA MET D 61 38.18 -27.65 -17.01
C MET D 61 38.26 -26.37 -16.18
N PRO D 62 38.58 -25.23 -16.79
CA PRO D 62 38.81 -24.01 -16.01
C PRO D 62 37.52 -23.49 -15.40
N GLY D 63 37.61 -23.06 -14.14
CA GLY D 63 36.49 -22.56 -13.38
C GLY D 63 35.87 -23.57 -12.44
N ASN D 64 35.88 -24.85 -12.82
CA ASN D 64 35.33 -25.89 -11.98
C ASN D 64 36.15 -26.03 -10.71
N VAL D 65 35.51 -26.55 -9.66
CA VAL D 65 36.12 -26.56 -8.33
C VAL D 65 36.05 -27.97 -7.76
N PHE D 66 37.20 -28.52 -7.37
CA PHE D 66 37.23 -29.85 -6.77
C PHE D 66 36.77 -29.79 -5.32
N LEU D 67 35.93 -30.74 -4.93
CA LEU D 67 35.36 -30.82 -3.59
C LEU D 67 35.64 -32.20 -3.01
N PRO D 68 36.55 -32.33 -2.05
CA PRO D 68 36.76 -33.63 -1.41
C PRO D 68 35.50 -34.09 -0.70
N ALA D 69 35.35 -35.42 -0.59
CA ALA D 69 34.18 -35.97 0.10
C ALA D 69 34.21 -35.66 1.59
N THR D 70 35.41 -35.43 2.15
CA THR D 70 35.52 -34.99 3.53
C THR D 70 34.93 -33.60 3.73
N THR D 71 34.85 -32.81 2.68
CA THR D 71 34.34 -31.45 2.79
C THR D 71 32.84 -31.37 2.60
N THR D 72 32.27 -32.23 1.75
CA THR D 72 30.88 -32.14 1.37
C THR D 72 29.99 -33.17 2.06
N ARG D 73 30.57 -34.15 2.75
CA ARG D 73 29.83 -35.29 3.32
C ARG D 73 29.10 -36.08 2.24
N LEU D 74 29.56 -35.95 1.00
CA LEU D 74 29.07 -36.70 -0.15
C LEU D 74 29.76 -38.06 -0.20
N PRO D 75 29.16 -39.04 -0.89
CA PRO D 75 29.81 -40.35 -1.01
C PRO D 75 31.24 -40.30 -1.52
N ARG D 76 31.48 -39.64 -2.65
CA ARG D 76 32.78 -39.63 -3.29
C ARG D 76 33.31 -38.21 -3.46
N ASP D 77 34.56 -38.11 -3.88
CA ASP D 77 35.11 -36.82 -4.30
C ASP D 77 34.34 -36.31 -5.51
N SER D 78 34.15 -35.00 -5.57
CA SER D 78 33.27 -34.41 -6.57
C SER D 78 33.93 -33.18 -7.18
N VAL D 79 33.27 -32.63 -8.20
CA VAL D 79 33.70 -31.41 -8.86
C VAL D 79 32.46 -30.56 -9.17
N VAL D 80 32.50 -29.30 -8.76
CA VAL D 80 31.50 -28.32 -9.15
C VAL D 80 31.78 -27.90 -10.59
N ASN D 81 30.84 -28.19 -11.49
CA ASN D 81 30.95 -27.83 -12.90
C ASN D 81 30.20 -26.51 -13.08
N VAL D 82 30.96 -25.41 -13.15
CA VAL D 82 30.35 -24.08 -13.25
C VAL D 82 29.83 -23.78 -14.65
N THR D 83 30.08 -24.66 -15.62
CA THR D 83 29.49 -24.51 -16.95
C THR D 83 28.15 -25.22 -17.06
N ALA D 84 27.73 -25.94 -16.02
CA ALA D 84 26.48 -26.70 -16.01
C ALA D 84 25.61 -26.09 -14.91
N ILE D 85 24.82 -25.08 -15.29
CA ILE D 85 23.99 -24.34 -14.36
C ILE D 85 22.53 -24.64 -14.68
N VAL D 86 21.75 -24.98 -13.66
CA VAL D 86 20.36 -25.37 -13.83
C VAL D 86 19.49 -24.57 -12.88
N THR D 87 18.25 -24.32 -13.30
CA THR D 87 17.26 -23.61 -12.51
C THR D 87 16.18 -24.61 -12.13
N LEU D 88 16.09 -24.94 -10.85
CA LEU D 88 15.17 -25.94 -10.34
C LEU D 88 14.10 -25.28 -9.46
N ASN D 89 12.99 -25.98 -9.31
CA ASN D 89 11.98 -25.57 -8.34
C ASN D 89 12.49 -25.83 -6.93
N LYS D 90 12.14 -24.93 -6.01
CA LYS D 90 12.55 -25.12 -4.61
C LYS D 90 12.00 -26.42 -4.05
N THR D 91 10.88 -26.90 -4.60
CA THR D 91 10.31 -28.17 -4.15
C THR D 91 11.18 -29.36 -4.59
N ASP D 92 11.88 -29.22 -5.72
CA ASP D 92 12.69 -30.32 -6.24
C ASP D 92 13.88 -30.64 -5.34
N LEU D 93 14.28 -29.73 -4.46
CA LEU D 93 15.40 -29.96 -3.57
C LEU D 93 14.93 -30.84 -2.41
N THR D 94 15.52 -32.03 -2.30
CA THR D 94 15.11 -33.00 -1.29
C THR D 94 16.11 -33.02 -0.15
N ASP D 95 16.76 -34.17 0.05
CA ASP D 95 17.74 -34.31 1.12
C ASP D 95 18.84 -33.27 1.00
N ARG D 96 19.18 -32.62 2.10
CA ARG D 96 20.34 -31.75 2.14
C ARG D 96 21.56 -32.59 2.50
N VAL D 97 22.69 -32.29 1.85
CA VAL D 97 23.91 -33.05 2.03
C VAL D 97 24.88 -32.36 2.98
N GLY D 98 24.93 -31.04 2.93
CA GLY D 98 25.85 -30.27 3.74
C GLY D 98 26.12 -28.93 3.08
N GLU D 99 27.27 -28.35 3.43
CA GLU D 99 27.60 -27.01 2.98
C GLU D 99 29.06 -26.91 2.59
N VAL D 100 29.35 -26.04 1.63
CA VAL D 100 30.70 -25.82 1.14
C VAL D 100 31.34 -24.69 1.95
N PRO D 101 32.54 -24.91 2.49
CA PRO D 101 33.22 -23.86 3.26
C PRO D 101 33.46 -22.59 2.46
N ALA D 102 33.71 -21.51 3.21
CA ALA D 102 33.87 -20.20 2.60
C ALA D 102 35.00 -20.16 1.56
N SER D 103 36.14 -20.81 1.86
CA SER D 103 37.27 -20.76 0.93
C SER D 103 36.96 -21.43 -0.41
N LEU D 104 36.36 -22.62 -0.35
CA LEU D 104 36.02 -23.31 -1.59
C LEU D 104 34.85 -22.62 -2.28
N MET D 105 33.93 -22.05 -1.50
CA MET D 105 32.85 -21.28 -2.10
C MET D 105 33.38 -20.02 -2.78
N HIS D 106 34.47 -19.45 -2.27
CA HIS D 106 35.12 -18.33 -2.94
C HIS D 106 35.71 -18.77 -4.27
N GLU D 107 36.33 -19.95 -4.28
CA GLU D 107 36.81 -20.50 -5.56
C GLU D 107 35.67 -20.69 -6.54
N VAL D 108 34.53 -21.19 -6.05
CA VAL D 108 33.35 -21.36 -6.89
C VAL D 108 32.86 -20.02 -7.43
N ASP D 109 32.83 -19.00 -6.57
CA ASP D 109 32.42 -17.65 -6.99
C ASP D 109 33.30 -17.14 -8.11
N ARG D 110 34.62 -17.27 -7.96
CA ARG D 110 35.52 -16.79 -8.99
C ARG D 110 35.32 -17.57 -10.30
N GLY D 111 35.16 -18.89 -10.21
CA GLY D 111 34.89 -19.67 -11.40
C GLY D 111 33.61 -19.24 -12.10
N LEU D 112 32.56 -18.97 -11.32
CA LEU D 112 31.30 -18.51 -11.88
C LEU D 112 31.46 -17.16 -12.58
N ARG D 113 32.15 -16.23 -11.93
CA ARG D 113 32.41 -14.94 -12.56
C ARG D 113 33.18 -15.11 -13.85
N ARG D 114 34.11 -16.07 -13.89
CA ARG D 114 34.87 -16.33 -15.10
C ARG D 114 33.97 -16.84 -16.22
N VAL D 115 33.12 -17.83 -15.93
CA VAL D 115 32.32 -18.45 -16.99
C VAL D 115 31.16 -17.54 -17.41
N LEU D 116 30.77 -16.59 -16.57
CA LEU D 116 29.63 -15.72 -16.86
C LEU D 116 30.05 -14.27 -17.17
N ASP D 117 31.35 -14.00 -17.26
CA ASP D 117 31.86 -12.66 -17.55
C ASP D 117 31.31 -11.63 -16.56
N LEU D 118 31.40 -11.96 -15.27
CA LEU D 118 30.88 -11.07 -14.24
C LEU D 118 31.99 -10.60 -13.29
N VAL E 6 -44.89 -5.50 14.80
CA VAL E 6 -43.97 -4.90 15.75
C VAL E 6 -42.52 -5.10 15.29
N ILE E 7 -41.83 -4.00 15.05
CA ILE E 7 -40.41 -4.06 14.68
C ILE E 7 -39.58 -3.97 15.95
N SER E 8 -38.65 -4.90 16.10
CA SER E 8 -37.79 -4.95 17.28
C SER E 8 -36.33 -5.01 16.84
N ARG E 9 -35.45 -4.59 17.75
CA ARG E 9 -34.04 -4.67 17.47
C ARG E 9 -33.60 -6.14 17.47
N ALA E 10 -32.48 -6.41 16.81
CA ALA E 10 -31.89 -7.74 16.62
C ALA E 10 -32.69 -8.61 15.65
N GLU E 11 -33.82 -8.13 15.14
CA GLU E 11 -34.61 -8.89 14.19
C GLU E 11 -34.11 -8.68 12.77
N ILE E 12 -34.25 -9.73 11.95
CA ILE E 12 -33.83 -9.71 10.56
C ILE E 12 -35.07 -9.63 9.67
N TYR E 13 -35.03 -8.74 8.69
CA TYR E 13 -36.11 -8.59 7.75
C TYR E 13 -35.57 -8.58 6.32
N TRP E 14 -36.47 -8.79 5.37
CA TRP E 14 -36.16 -8.59 3.96
C TRP E 14 -36.62 -7.20 3.56
N ALA E 15 -35.81 -6.50 2.78
CA ALA E 15 -36.14 -5.13 2.42
C ALA E 15 -35.54 -4.79 1.07
N ASP E 16 -36.15 -3.81 0.41
CA ASP E 16 -35.69 -3.33 -0.89
C ASP E 16 -34.73 -2.16 -0.66
N LEU E 17 -33.48 -2.35 -1.09
CA LEU E 17 -32.45 -1.33 -0.87
C LEU E 17 -32.24 -0.48 -2.13
N LYS E 27 -31.30 -4.22 -4.59
CA LYS E 27 -32.39 -5.18 -4.74
C LYS E 27 -33.01 -5.54 -3.40
N ARG E 28 -33.61 -6.73 -3.33
CA ARG E 28 -34.20 -7.24 -2.11
C ARG E 28 -33.12 -7.99 -1.34
N ARG E 29 -32.72 -7.45 -0.20
CA ARG E 29 -31.63 -7.99 0.61
C ARG E 29 -32.06 -8.05 2.06
N PRO E 30 -31.36 -8.85 2.88
CA PRO E 30 -31.70 -8.90 4.31
C PRO E 30 -30.97 -7.83 5.12
N VAL E 31 -31.68 -7.34 6.14
CA VAL E 31 -31.17 -6.30 7.01
C VAL E 31 -31.46 -6.68 8.46
N LEU E 32 -30.57 -6.25 9.34
CA LEU E 32 -30.68 -6.47 10.77
C LEU E 32 -31.02 -5.14 11.43
N VAL E 33 -32.14 -5.11 12.15
CA VAL E 33 -32.58 -3.87 12.77
C VAL E 33 -31.65 -3.54 13.93
N ILE E 34 -31.05 -2.35 13.89
CA ILE E 34 -30.18 -1.88 14.96
C ILE E 34 -30.74 -0.66 15.66
N GLN E 35 -31.84 -0.08 15.17
CA GLN E 35 -32.49 1.02 15.85
C GLN E 35 -33.10 0.51 17.16
N SER E 36 -32.97 1.33 18.21
CA SER E 36 -33.43 0.93 19.53
C SER E 36 -34.94 0.78 19.56
N ASP E 37 -35.42 -0.10 20.45
CA ASP E 37 -36.84 -0.40 20.51
C ASP E 37 -37.72 0.80 20.91
N PRO E 38 -37.27 1.73 21.77
CA PRO E 38 -38.08 2.96 21.95
C PRO E 38 -38.42 3.67 20.65
N TYR E 39 -37.43 3.90 19.78
CA TYR E 39 -37.71 4.54 18.50
C TYR E 39 -38.49 3.61 17.58
N ASN E 40 -38.29 2.30 17.69
CA ASN E 40 -39.04 1.36 16.87
C ASN E 40 -40.53 1.40 17.20
N ALA E 41 -40.87 1.57 18.48
CA ALA E 41 -42.26 1.63 18.89
C ALA E 41 -42.87 3.02 18.72
N SER E 42 -42.04 4.06 18.62
CA SER E 42 -42.53 5.42 18.45
C SER E 42 -43.20 5.57 17.07
N ARG E 43 -43.74 6.76 16.84
CA ARG E 43 -44.38 7.11 15.59
C ARG E 43 -43.39 7.41 14.46
N LEU E 44 -42.08 7.27 14.74
CA LEU E 44 -41.04 7.50 13.74
C LEU E 44 -41.23 6.57 12.53
N ALA E 45 -41.30 7.17 11.34
CA ALA E 45 -41.53 6.38 10.13
C ALA E 45 -40.32 5.52 9.74
N THR E 46 -39.11 5.92 10.12
CA THR E 46 -37.89 5.26 9.69
C THR E 46 -37.41 4.22 10.70
N VAL E 47 -36.54 3.33 10.21
CA VAL E 47 -35.87 2.34 11.06
C VAL E 47 -34.46 2.12 10.52
N ILE E 48 -33.46 2.24 11.40
CA ILE E 48 -32.06 2.10 11.04
C ILE E 48 -31.67 0.63 11.08
N ALA E 49 -30.93 0.19 10.08
CA ALA E 49 -30.57 -1.23 9.98
C ALA E 49 -29.20 -1.37 9.34
N ALA E 50 -28.54 -2.49 9.66
CA ALA E 50 -27.28 -2.88 9.04
C ALA E 50 -27.54 -3.93 7.98
N VAL E 51 -26.81 -3.85 6.87
CA VAL E 51 -27.02 -4.75 5.75
C VAL E 51 -26.36 -6.09 6.06
N ILE E 52 -27.04 -7.18 5.68
CA ILE E 52 -26.54 -8.53 5.84
C ILE E 52 -26.23 -9.07 4.44
N THR E 53 -24.99 -9.45 4.21
CA THR E 53 -24.58 -9.99 2.92
C THR E 53 -24.46 -11.51 3.00
N SER E 54 -24.59 -12.16 1.85
CA SER E 54 -24.35 -13.58 1.76
C SER E 54 -22.91 -13.88 1.35
N ASN E 55 -22.16 -12.86 0.93
CA ASN E 55 -20.73 -12.99 0.66
C ASN E 55 -19.96 -13.09 1.96
N THR E 56 -19.70 -14.32 2.41
CA THR E 56 -19.04 -14.53 3.70
C THR E 56 -17.62 -14.02 3.74
N ALA E 57 -17.02 -13.70 2.58
CA ALA E 57 -15.67 -13.15 2.56
C ALA E 57 -15.59 -11.82 3.28
N LEU E 58 -16.71 -11.12 3.42
CA LEU E 58 -16.74 -9.87 4.16
C LEU E 58 -16.57 -10.07 5.66
N ALA E 59 -16.55 -11.32 6.13
CA ALA E 59 -16.26 -11.58 7.53
C ALA E 59 -14.84 -11.18 7.90
N ALA E 60 -13.94 -11.12 6.91
CA ALA E 60 -12.58 -10.67 7.18
C ALA E 60 -12.52 -9.18 7.51
N MET E 61 -13.42 -8.39 6.92
CA MET E 61 -13.49 -6.98 7.25
C MET E 61 -13.73 -6.80 8.75
N PRO E 62 -12.95 -5.96 9.43
CA PRO E 62 -13.05 -5.88 10.89
C PRO E 62 -14.36 -5.25 11.33
N GLY E 63 -14.97 -5.83 12.37
CA GLY E 63 -16.22 -5.38 12.91
C GLY E 63 -17.43 -6.18 12.44
N ASN E 64 -17.38 -6.70 11.21
CA ASN E 64 -18.48 -7.50 10.69
C ASN E 64 -18.64 -8.79 11.49
N VAL E 65 -19.84 -9.34 11.46
CA VAL E 65 -20.18 -10.48 12.33
C VAL E 65 -20.76 -11.60 11.49
N PHE E 66 -20.15 -12.78 11.56
CA PHE E 66 -20.64 -13.94 10.82
C PHE E 66 -21.87 -14.55 11.49
N LEU E 67 -22.87 -14.88 10.68
CA LEU E 67 -24.12 -15.45 11.15
C LEU E 67 -24.39 -16.77 10.43
N PRO E 68 -24.24 -17.91 11.09
CA PRO E 68 -24.60 -19.19 10.45
C PRO E 68 -26.08 -19.24 10.10
N ALA E 69 -26.40 -20.02 9.06
CA ALA E 69 -27.78 -20.16 8.63
C ALA E 69 -28.63 -20.92 9.66
N THR E 70 -28.00 -21.75 10.48
CA THR E 70 -28.70 -22.39 11.59
C THR E 70 -29.13 -21.40 12.66
N THR E 71 -28.46 -20.25 12.74
CA THR E 71 -28.76 -19.27 13.78
C THR E 71 -29.84 -18.28 13.36
N THR E 72 -29.91 -17.94 12.07
CA THR E 72 -30.81 -16.90 11.59
C THR E 72 -32.04 -17.44 10.87
N ARG E 73 -32.11 -18.75 10.60
CA ARG E 73 -33.14 -19.35 9.77
C ARG E 73 -33.14 -18.77 8.36
N LEU E 74 -32.01 -18.20 7.96
CA LEU E 74 -31.80 -17.68 6.62
C LEU E 74 -31.38 -18.80 5.67
N PRO E 75 -31.56 -18.62 4.36
CA PRO E 75 -31.12 -19.66 3.42
C PRO E 75 -29.68 -20.06 3.59
N ARG E 76 -28.75 -19.11 3.60
CA ARG E 76 -27.32 -19.39 3.63
C ARG E 76 -26.67 -18.75 4.85
N ASP E 77 -25.39 -19.09 5.04
CA ASP E 77 -24.54 -18.36 5.97
C ASP E 77 -24.42 -16.91 5.51
N SER E 78 -24.37 -16.00 6.47
CA SER E 78 -24.42 -14.57 6.17
C SER E 78 -23.38 -13.84 7.00
N VAL E 79 -23.23 -12.55 6.72
CA VAL E 79 -22.35 -11.67 7.48
C VAL E 79 -23.04 -10.32 7.65
N VAL E 80 -23.12 -9.85 8.90
CA VAL E 80 -23.57 -8.49 9.20
C VAL E 80 -22.42 -7.54 8.88
N ASN E 81 -22.65 -6.64 7.93
CA ASN E 81 -21.68 -5.62 7.53
C ASN E 81 -22.00 -4.36 8.31
N VAL E 82 -21.23 -4.10 9.38
CA VAL E 82 -21.50 -2.95 10.24
C VAL E 82 -21.03 -1.64 9.62
N THR E 83 -20.35 -1.68 8.48
CA THR E 83 -20.00 -0.48 7.74
C THR E 83 -21.06 -0.09 6.71
N ALA E 84 -22.10 -0.89 6.56
CA ALA E 84 -23.17 -0.66 5.59
C ALA E 84 -24.47 -0.46 6.37
N ILE E 85 -24.75 0.79 6.73
CA ILE E 85 -25.90 1.14 7.57
C ILE E 85 -26.88 1.91 6.70
N VAL E 86 -28.15 1.51 6.75
CA VAL E 86 -29.20 2.10 5.93
C VAL E 86 -30.38 2.48 6.82
N THR E 87 -31.07 3.54 6.43
CA THR E 87 -32.29 4.00 7.10
C THR E 87 -33.46 3.75 6.16
N LEU E 88 -34.34 2.83 6.55
CA LEU E 88 -35.46 2.43 5.72
C LEU E 88 -36.78 2.85 6.38
N ASN E 89 -37.81 2.94 5.55
CA ASN E 89 -39.16 3.13 6.08
C ASN E 89 -39.64 1.84 6.74
N LYS E 90 -40.35 1.98 7.86
CA LYS E 90 -40.89 0.81 8.54
C LYS E 90 -41.80 0.00 7.61
N THR E 91 -42.39 0.64 6.61
CA THR E 91 -43.23 -0.07 5.66
C THR E 91 -42.41 -0.97 4.75
N ASP E 92 -41.15 -0.61 4.49
CA ASP E 92 -40.31 -1.40 3.59
C ASP E 92 -39.97 -2.78 4.17
N LEU E 93 -40.10 -2.97 5.47
CA LEU E 93 -39.80 -4.24 6.10
C LEU E 93 -40.94 -5.21 5.85
N THR E 94 -40.66 -6.29 5.13
CA THR E 94 -41.68 -7.26 4.76
C THR E 94 -41.58 -8.50 5.64
N ASP E 95 -41.30 -9.65 5.04
CA ASP E 95 -41.20 -10.90 5.79
C ASP E 95 -40.15 -10.79 6.88
N ARG E 96 -40.51 -11.23 8.08
CA ARG E 96 -39.52 -11.35 9.15
C ARG E 96 -38.85 -12.72 9.03
N VAL E 97 -37.54 -12.74 9.25
CA VAL E 97 -36.76 -13.96 9.09
C VAL E 97 -36.47 -14.61 10.43
N GLY E 98 -36.24 -13.80 11.46
CA GLY E 98 -35.91 -14.34 12.77
C GLY E 98 -35.13 -13.29 13.56
N GLU E 99 -34.35 -13.78 14.51
CA GLU E 99 -33.66 -12.91 15.45
C GLU E 99 -32.24 -13.39 15.69
N VAL E 100 -31.37 -12.43 15.97
CA VAL E 100 -29.96 -12.70 16.25
C VAL E 100 -29.79 -12.90 17.77
N PRO E 101 -29.16 -13.98 18.20
CA PRO E 101 -28.95 -14.20 19.64
C PRO E 101 -28.19 -13.08 20.31
N ALA E 102 -28.31 -13.04 21.64
CA ALA E 102 -27.71 -11.97 22.44
C ALA E 102 -26.19 -11.90 22.25
N SER E 103 -25.53 -13.06 22.21
CA SER E 103 -24.06 -13.06 22.08
C SER E 103 -23.60 -12.46 20.76
N LEU E 104 -24.25 -12.86 19.66
CA LEU E 104 -23.88 -12.32 18.36
C LEU E 104 -24.32 -10.88 18.22
N MET E 105 -25.44 -10.51 18.85
CA MET E 105 -25.82 -9.10 18.86
C MET E 105 -24.85 -8.26 19.66
N HIS E 106 -24.22 -8.83 20.70
CA HIS E 106 -23.18 -8.12 21.42
C HIS E 106 -21.96 -7.90 20.52
N GLU E 107 -21.61 -8.92 19.73
CA GLU E 107 -20.53 -8.73 18.77
C GLU E 107 -20.88 -7.61 17.77
N VAL E 108 -22.13 -7.60 17.31
CA VAL E 108 -22.61 -6.55 16.41
C VAL E 108 -22.52 -5.18 17.09
N ASP E 109 -22.95 -5.11 18.35
CA ASP E 109 -22.88 -3.86 19.11
C ASP E 109 -21.46 -3.34 19.20
N ARG E 110 -20.51 -4.22 19.54
CA ARG E 110 -19.13 -3.78 19.65
C ARG E 110 -18.58 -3.33 18.29
N GLY E 111 -18.92 -4.05 17.22
CA GLY E 111 -18.52 -3.59 15.89
C GLY E 111 -19.09 -2.23 15.54
N LEU E 112 -20.36 -2.01 15.87
CA LEU E 112 -21.00 -0.72 15.62
C LEU E 112 -20.32 0.39 16.41
N ARG E 113 -20.05 0.15 17.69
CA ARG E 113 -19.35 1.14 18.50
C ARG E 113 -17.98 1.46 17.93
N ARG E 114 -17.30 0.45 17.38
CA ARG E 114 -16.00 0.69 16.76
C ARG E 114 -16.14 1.57 15.53
N VAL E 115 -17.07 1.24 14.65
CA VAL E 115 -17.16 1.96 13.38
C VAL E 115 -17.77 3.35 13.56
N LEU E 116 -18.48 3.60 14.66
CA LEU E 116 -19.12 4.88 14.90
C LEU E 116 -18.47 5.68 16.02
N ASP E 117 -17.36 5.20 16.57
CA ASP E 117 -16.66 5.86 17.69
C ASP E 117 -17.62 6.12 18.85
N LEU E 118 -18.36 5.09 19.23
CA LEU E 118 -19.32 5.21 20.32
C LEU E 118 -18.94 4.28 21.47
N MET F 5 28.16 -21.25 -37.67
CA MET F 5 27.60 -20.44 -36.60
C MET F 5 28.55 -20.38 -35.41
N VAL F 6 28.80 -19.18 -34.91
CA VAL F 6 29.67 -18.97 -33.75
C VAL F 6 28.85 -18.25 -32.68
N ILE F 7 28.74 -18.88 -31.52
CA ILE F 7 27.99 -18.30 -30.41
C ILE F 7 28.84 -17.25 -29.72
N SER F 8 28.28 -16.06 -29.53
CA SER F 8 28.94 -14.99 -28.80
C SER F 8 28.04 -14.52 -27.66
N ARG F 9 28.66 -13.93 -26.64
CA ARG F 9 27.89 -13.40 -25.52
C ARG F 9 27.08 -12.19 -25.97
N ALA F 10 26.03 -11.90 -25.19
CA ALA F 10 25.11 -10.78 -25.42
C ALA F 10 24.21 -11.00 -26.62
N GLU F 11 24.40 -12.12 -27.33
CA GLU F 11 23.56 -12.44 -28.49
C GLU F 11 22.30 -13.17 -28.06
N ILE F 12 21.22 -12.94 -28.82
CA ILE F 12 19.92 -13.54 -28.57
C ILE F 12 19.69 -14.61 -29.63
N TYR F 13 19.24 -15.79 -29.20
CA TYR F 13 18.94 -16.88 -30.11
C TYR F 13 17.57 -17.45 -29.78
N TRP F 14 17.02 -18.20 -30.73
CA TRP F 14 15.84 -19.00 -30.49
C TRP F 14 16.28 -20.42 -30.16
N ALA F 15 15.65 -21.03 -29.17
CA ALA F 15 16.09 -22.35 -28.74
C ALA F 15 14.91 -23.15 -28.23
N ASP F 16 15.07 -24.48 -28.28
CA ASP F 16 14.08 -25.42 -27.76
C ASP F 16 14.40 -25.66 -26.28
N LEU F 17 13.72 -24.95 -25.40
CA LEU F 17 13.98 -25.11 -23.97
C LEU F 17 13.58 -26.48 -23.48
N GLY F 18 12.63 -27.14 -24.13
CA GLY F 18 12.21 -28.47 -23.74
C GLY F 18 10.75 -28.78 -24.02
N ARG F 28 9.81 -23.49 -28.18
CA ARG F 28 10.81 -22.59 -28.75
C ARG F 28 10.68 -21.19 -28.18
N ARG F 29 11.68 -20.77 -27.42
CA ARG F 29 11.68 -19.48 -26.75
C ARG F 29 13.01 -18.78 -26.99
N PRO F 30 13.07 -17.46 -26.79
CA PRO F 30 14.33 -16.74 -26.96
C PRO F 30 15.19 -16.73 -25.69
N VAL F 31 16.50 -16.82 -25.90
CA VAL F 31 17.47 -16.87 -24.82
C VAL F 31 18.60 -15.90 -25.13
N LEU F 32 19.17 -15.36 -24.07
CA LEU F 32 20.28 -14.42 -24.13
C LEU F 32 21.53 -15.13 -23.63
N VAL F 33 22.56 -15.20 -24.46
CA VAL F 33 23.78 -15.90 -24.07
C VAL F 33 24.51 -15.09 -23.01
N ILE F 34 24.76 -15.71 -21.86
CA ILE F 34 25.52 -15.08 -20.79
C ILE F 34 26.84 -15.79 -20.52
N GLN F 35 27.09 -16.93 -21.15
CA GLN F 35 28.37 -17.61 -21.02
C GLN F 35 29.46 -16.77 -21.68
N SER F 36 30.62 -16.72 -21.02
CA SER F 36 31.72 -15.90 -21.51
C SER F 36 32.24 -16.43 -22.85
N ASP F 37 32.77 -15.51 -23.66
CA ASP F 37 33.22 -15.88 -24.99
C ASP F 37 34.38 -16.89 -25.01
N PRO F 38 35.33 -16.89 -24.05
CA PRO F 38 36.31 -18.00 -24.02
C PRO F 38 35.66 -19.38 -24.03
N TYR F 39 34.69 -19.61 -23.16
CA TYR F 39 34.00 -20.91 -23.16
C TYR F 39 33.14 -21.08 -24.39
N ASN F 40 32.61 -19.99 -24.94
CA ASN F 40 31.78 -20.07 -26.15
C ASN F 40 32.60 -20.56 -27.33
N ALA F 41 33.85 -20.10 -27.44
CA ALA F 41 34.73 -20.52 -28.53
C ALA F 41 35.39 -21.86 -28.27
N SER F 42 35.45 -22.31 -27.03
CA SER F 42 36.08 -23.57 -26.68
C SER F 42 35.27 -24.74 -27.26
N ARG F 43 35.79 -25.95 -27.06
CA ARG F 43 35.17 -27.18 -27.49
C ARG F 43 34.00 -27.60 -26.61
N LEU F 44 33.66 -26.81 -25.60
CA LEU F 44 32.54 -27.07 -24.71
C LEU F 44 31.23 -27.16 -25.49
N ALA F 45 30.51 -28.27 -25.34
CA ALA F 45 29.26 -28.46 -26.08
C ALA F 45 28.13 -27.55 -25.57
N THR F 46 28.17 -27.12 -24.32
CA THR F 46 27.07 -26.38 -23.70
C THR F 46 27.29 -24.87 -23.81
N VAL F 47 26.19 -24.13 -23.63
CA VAL F 47 26.21 -22.68 -23.55
C VAL F 47 25.16 -22.24 -22.54
N ILE F 48 25.55 -21.40 -21.58
CA ILE F 48 24.67 -20.93 -20.51
C ILE F 48 23.94 -19.69 -21.00
N ALA F 49 22.64 -19.62 -20.73
CA ALA F 49 21.82 -18.52 -21.22
C ALA F 49 20.72 -18.20 -20.21
N ALA F 50 20.26 -16.95 -20.26
CA ALA F 50 19.11 -16.51 -19.48
C ALA F 50 17.88 -16.44 -20.40
N VAL F 51 16.74 -16.85 -19.88
CA VAL F 51 15.52 -16.90 -20.69
C VAL F 51 14.93 -15.51 -20.83
N ILE F 52 14.42 -15.21 -22.02
CA ILE F 52 13.75 -13.95 -22.31
C ILE F 52 12.28 -14.26 -22.49
N THR F 53 11.44 -13.63 -21.67
CA THR F 53 10.00 -13.85 -21.74
C THR F 53 9.33 -12.67 -22.43
N SER F 54 8.16 -12.94 -23.01
CA SER F 54 7.34 -11.87 -23.56
C SER F 54 6.32 -11.37 -22.55
N ASN F 55 6.13 -12.08 -21.43
CA ASN F 55 5.30 -11.59 -20.36
C ASN F 55 6.05 -10.47 -19.64
N THR F 56 5.78 -9.23 -20.04
CA THR F 56 6.49 -8.09 -19.50
C THR F 56 6.19 -7.86 -18.02
N ALA F 57 5.19 -8.52 -17.47
CA ALA F 57 4.88 -8.40 -16.05
C ALA F 57 6.03 -8.89 -15.18
N LEU F 58 6.91 -9.73 -15.72
CA LEU F 58 8.08 -10.17 -14.97
C LEU F 58 9.10 -9.07 -14.78
N ALA F 59 8.90 -7.90 -15.39
CA ALA F 59 9.77 -6.77 -15.13
C ALA F 59 9.66 -6.29 -13.69
N ALA F 60 8.57 -6.62 -13.01
CA ALA F 60 8.43 -6.27 -11.59
C ALA F 60 9.37 -7.08 -10.73
N MET F 61 9.65 -8.33 -11.10
CA MET F 61 10.62 -9.13 -10.39
C MET F 61 11.97 -8.42 -10.36
N PRO F 62 12.60 -8.28 -9.19
CA PRO F 62 13.84 -7.50 -9.11
C PRO F 62 14.99 -8.23 -9.78
N GLY F 63 15.81 -7.46 -10.52
CA GLY F 63 16.93 -7.98 -11.25
C GLY F 63 16.65 -8.18 -12.73
N ASN F 64 15.42 -8.51 -13.09
CA ASN F 64 15.05 -8.70 -14.49
C ASN F 64 15.19 -7.38 -15.25
N VAL F 65 15.37 -7.48 -16.57
CA VAL F 65 15.69 -6.31 -17.38
C VAL F 65 14.70 -6.20 -18.53
N PHE F 66 14.00 -5.07 -18.62
CA PHE F 66 13.06 -4.85 -19.69
C PHE F 66 13.78 -4.49 -20.98
N LEU F 67 13.36 -5.10 -22.08
CA LEU F 67 13.97 -4.88 -23.39
C LEU F 67 12.89 -4.47 -24.39
N PRO F 68 12.82 -3.20 -24.78
CA PRO F 68 11.86 -2.80 -25.81
C PRO F 68 12.15 -3.47 -27.14
N ALA F 69 11.08 -3.65 -27.94
CA ALA F 69 11.23 -4.25 -29.26
C ALA F 69 11.99 -3.34 -30.21
N THR F 70 12.01 -2.05 -29.93
CA THR F 70 12.81 -1.09 -30.69
C THR F 70 14.31 -1.33 -30.56
N THR F 71 14.74 -2.03 -29.51
CA THR F 71 16.16 -2.25 -29.27
C THR F 71 16.71 -3.51 -29.92
N THR F 72 15.93 -4.58 -29.98
CA THR F 72 16.42 -5.90 -30.36
C THR F 72 16.02 -6.36 -31.76
N ARG F 73 15.19 -5.61 -32.48
CA ARG F 73 14.54 -6.03 -33.73
C ARG F 73 13.63 -7.23 -33.51
N LEU F 74 13.21 -7.44 -32.26
CA LEU F 74 12.27 -8.50 -31.92
C LEU F 74 10.84 -8.02 -32.18
N PRO F 75 9.91 -8.96 -32.37
CA PRO F 75 8.51 -8.56 -32.59
C PRO F 75 7.95 -7.68 -31.48
N ARG F 76 8.03 -8.14 -30.24
CA ARG F 76 7.39 -7.44 -29.13
C ARG F 76 8.40 -7.08 -28.04
N ASP F 77 7.92 -6.29 -27.08
CA ASP F 77 8.68 -6.02 -25.86
C ASP F 77 8.91 -7.30 -25.07
N SER F 78 10.08 -7.37 -24.42
CA SER F 78 10.50 -8.57 -23.75
C SER F 78 11.09 -8.22 -22.39
N VAL F 79 11.39 -9.27 -21.61
CA VAL F 79 12.06 -9.11 -20.32
C VAL F 79 13.07 -10.24 -20.17
N VAL F 80 14.31 -9.88 -19.87
CA VAL F 80 15.34 -10.84 -19.50
C VAL F 80 15.08 -11.26 -18.05
N ASN F 81 14.80 -12.56 -17.85
CA ASN F 81 14.55 -13.11 -16.52
C ASN F 81 15.87 -13.67 -16.02
N VAL F 82 16.54 -12.91 -15.14
CA VAL F 82 17.85 -13.32 -14.64
C VAL F 82 17.74 -14.39 -13.58
N THR F 83 16.53 -14.75 -13.15
CA THR F 83 16.30 -15.86 -12.25
C THR F 83 16.04 -17.16 -13.01
N ALA F 84 15.98 -17.11 -14.34
CA ALA F 84 15.69 -18.26 -15.19
C ALA F 84 16.91 -18.48 -16.09
N ILE F 85 17.85 -19.29 -15.60
CA ILE F 85 19.10 -19.55 -16.29
C ILE F 85 19.10 -21.01 -16.73
N VAL F 86 19.45 -21.25 -18.00
CA VAL F 86 19.41 -22.58 -18.59
C VAL F 86 20.73 -22.87 -19.28
N THR F 87 21.10 -24.14 -19.30
CA THR F 87 22.31 -24.60 -19.98
C THR F 87 21.87 -25.44 -21.18
N LEU F 88 22.14 -24.94 -22.38
CA LEU F 88 21.71 -25.57 -23.62
C LEU F 88 22.90 -26.07 -24.41
N ASN F 89 22.65 -27.04 -25.29
CA ASN F 89 23.65 -27.44 -26.26
C ASN F 89 23.83 -26.33 -27.28
N LYS F 90 25.08 -26.11 -27.69
CA LYS F 90 25.35 -25.14 -28.74
C LYS F 90 24.58 -25.46 -30.01
N THR F 91 24.25 -26.74 -30.21
CA THR F 91 23.46 -27.14 -31.38
C THR F 91 22.03 -26.64 -31.27
N ASP F 92 21.51 -26.51 -30.04
CA ASP F 92 20.13 -26.08 -29.87
C ASP F 92 19.88 -24.64 -30.30
N LEU F 93 20.94 -23.83 -30.42
CA LEU F 93 20.81 -22.44 -30.83
C LEU F 93 20.62 -22.38 -32.34
N THR F 94 19.47 -21.86 -32.78
CA THR F 94 19.14 -21.81 -34.19
C THR F 94 19.31 -20.40 -34.73
N ASP F 95 18.22 -19.80 -35.20
CA ASP F 95 18.26 -18.45 -35.74
C ASP F 95 18.81 -17.47 -34.72
N ARG F 96 19.74 -16.62 -35.16
CA ARG F 96 20.22 -15.53 -34.32
C ARG F 96 19.29 -14.34 -34.50
N VAL F 97 19.01 -13.66 -33.40
CA VAL F 97 18.07 -12.54 -33.40
C VAL F 97 18.80 -11.20 -33.44
N GLY F 98 19.92 -11.10 -32.74
CA GLY F 98 20.64 -9.85 -32.65
C GLY F 98 21.44 -9.82 -31.35
N GLU F 99 21.72 -8.60 -30.89
CA GLU F 99 22.57 -8.40 -29.74
C GLU F 99 21.97 -7.32 -28.84
N VAL F 100 22.23 -7.46 -27.55
CA VAL F 100 21.73 -6.54 -26.53
C VAL F 100 22.76 -5.42 -26.33
N PRO F 101 22.35 -4.15 -26.36
CA PRO F 101 23.29 -3.05 -26.18
C PRO F 101 24.06 -3.15 -24.86
N ALA F 102 25.18 -2.44 -24.82
CA ALA F 102 26.07 -2.48 -23.67
C ALA F 102 25.37 -2.07 -22.37
N SER F 103 24.54 -1.01 -22.43
CA SER F 103 23.89 -0.54 -21.21
C SER F 103 22.91 -1.58 -20.65
N LEU F 104 22.10 -2.18 -21.54
CA LEU F 104 21.13 -3.17 -21.07
C LEU F 104 21.83 -4.45 -20.64
N MET F 105 22.92 -4.82 -21.31
CA MET F 105 23.72 -5.96 -20.86
C MET F 105 24.37 -5.68 -19.52
N HIS F 106 24.72 -4.42 -19.25
CA HIS F 106 25.23 -4.07 -17.94
C HIS F 106 24.16 -4.22 -16.87
N GLU F 107 22.93 -3.82 -17.19
CA GLU F 107 21.84 -4.07 -16.25
C GLU F 107 21.65 -5.56 -16.02
N VAL F 108 21.74 -6.35 -17.09
CA VAL F 108 21.65 -7.80 -16.97
C VAL F 108 22.77 -8.35 -16.10
N ASP F 109 24.00 -7.87 -16.32
CA ASP F 109 25.14 -8.30 -15.53
C ASP F 109 24.93 -8.00 -14.05
N ARG F 110 24.47 -6.79 -13.73
CA ARG F 110 24.23 -6.44 -12.33
C ARG F 110 23.14 -7.30 -11.73
N GLY F 111 22.06 -7.56 -12.48
CA GLY F 111 21.04 -8.47 -11.98
C GLY F 111 21.56 -9.86 -11.72
N LEU F 112 22.39 -10.38 -12.62
CA LEU F 112 22.99 -11.70 -12.44
C LEU F 112 23.88 -11.74 -11.20
N ARG F 113 24.72 -10.72 -11.04
CA ARG F 113 25.57 -10.65 -9.84
C ARG F 113 24.73 -10.59 -8.58
N ARG F 114 23.60 -9.87 -8.62
CA ARG F 114 22.72 -9.80 -7.46
C ARG F 114 22.11 -11.16 -7.14
N VAL F 115 21.58 -11.85 -8.16
CA VAL F 115 20.88 -13.11 -7.91
C VAL F 115 21.85 -14.25 -7.63
N LEU F 116 23.13 -14.11 -7.99
CA LEU F 116 24.11 -15.16 -7.78
C LEU F 116 25.15 -14.81 -6.71
N ASP F 117 24.98 -13.67 -6.03
CA ASP F 117 25.92 -13.22 -5.00
C ASP F 117 27.35 -13.17 -5.53
N LEU F 118 27.51 -12.55 -6.70
CA LEU F 118 28.83 -12.45 -7.32
C LEU F 118 29.26 -10.99 -7.47
N MET G 5 10.08 -9.65 -0.98
CA MET G 5 10.80 -9.49 -2.24
C MET G 5 12.21 -8.97 -2.00
N VAL G 6 13.05 -9.04 -3.01
CA VAL G 6 14.46 -8.67 -2.90
C VAL G 6 14.60 -7.18 -3.19
N ILE G 7 15.08 -6.44 -2.20
CA ILE G 7 15.31 -5.00 -2.36
C ILE G 7 16.78 -4.79 -2.71
N SER G 8 17.02 -4.15 -3.85
CA SER G 8 18.37 -3.89 -4.32
C SER G 8 18.55 -2.40 -4.57
N ARG G 9 19.80 -1.96 -4.53
CA ARG G 9 20.11 -0.57 -4.83
C ARG G 9 19.89 -0.33 -6.32
N ALA G 10 19.68 0.94 -6.68
CA ALA G 10 19.41 1.42 -8.02
C ALA G 10 18.02 1.03 -8.52
N GLU G 11 17.24 0.28 -7.75
CA GLU G 11 15.90 -0.11 -8.14
C GLU G 11 14.88 0.96 -7.73
N ILE G 12 13.81 1.07 -8.52
CA ILE G 12 12.74 2.02 -8.30
C ILE G 12 11.51 1.26 -7.81
N TYR G 13 10.89 1.77 -6.75
CA TYR G 13 9.67 1.16 -6.21
C TYR G 13 8.61 2.24 -6.02
N TRP G 14 7.37 1.79 -5.84
CA TRP G 14 6.29 2.67 -5.41
C TRP G 14 6.15 2.56 -3.90
N ALA G 15 5.93 3.69 -3.24
CA ALA G 15 5.86 3.68 -1.79
C ALA G 15 4.97 4.81 -1.30
N ASP G 16 4.46 4.64 -0.09
CA ASP G 16 3.58 5.62 0.54
C ASP G 16 4.42 6.51 1.45
N LEU G 17 4.50 7.79 1.11
CA LEU G 17 5.34 8.73 1.83
C LEU G 17 4.52 9.52 2.86
N LYS G 27 1.64 10.95 -0.29
CA LYS G 27 0.87 10.03 -1.12
C LYS G 27 1.74 8.89 -1.63
N ARG G 28 1.26 8.20 -2.67
CA ARG G 28 1.99 7.10 -3.29
C ARG G 28 2.88 7.69 -4.38
N ARG G 29 4.19 7.65 -4.16
CA ARG G 29 5.17 8.23 -5.06
C ARG G 29 6.28 7.23 -5.32
N PRO G 30 7.05 7.41 -6.40
CA PRO G 30 8.17 6.52 -6.67
C PRO G 30 9.46 6.96 -5.98
N VAL G 31 10.24 5.95 -5.57
CA VAL G 31 11.49 6.16 -4.86
C VAL G 31 12.57 5.28 -5.47
N LEU G 32 13.82 5.77 -5.39
CA LEU G 32 15.00 5.07 -5.87
C LEU G 32 15.78 4.62 -4.65
N VAL G 33 16.04 3.31 -4.56
CA VAL G 33 16.75 2.76 -3.41
C VAL G 33 18.22 3.18 -3.49
N ILE G 34 18.70 3.84 -2.44
CA ILE G 34 20.10 4.23 -2.35
C ILE G 34 20.83 3.54 -1.21
N GLN G 35 20.11 2.83 -0.34
CA GLN G 35 20.75 2.05 0.71
C GLN G 35 21.54 0.90 0.08
N SER G 36 22.72 0.65 0.62
CA SER G 36 23.60 -0.38 0.07
C SER G 36 22.99 -1.77 0.22
N ASP G 37 23.35 -2.65 -0.71
CA ASP G 37 22.77 -3.99 -0.69
C ASP G 37 23.14 -4.80 0.55
N PRO G 38 24.30 -4.65 1.18
CA PRO G 38 24.50 -5.30 2.49
C PRO G 38 23.41 -4.96 3.50
N TYR G 39 23.08 -3.68 3.67
CA TYR G 39 22.02 -3.32 4.60
C TYR G 39 20.65 -3.75 4.09
N ASN G 40 20.47 -3.77 2.78
CA ASN G 40 19.20 -4.21 2.21
C ASN G 40 18.94 -5.69 2.50
N ALA G 41 19.99 -6.50 2.44
CA ALA G 41 19.85 -7.92 2.72
C ALA G 41 19.86 -8.23 4.21
N SER G 42 20.36 -7.31 5.04
CA SER G 42 20.40 -7.52 6.48
C SER G 42 18.97 -7.54 7.05
N ARG G 43 18.89 -7.78 8.36
CA ARG G 43 17.63 -7.81 9.09
C ARG G 43 17.09 -6.42 9.40
N LEU G 44 17.79 -5.37 8.95
CA LEU G 44 17.35 -4.00 9.16
C LEU G 44 15.98 -3.76 8.55
N ALA G 45 15.04 -3.26 9.37
CA ALA G 45 13.68 -3.04 8.89
C ALA G 45 13.57 -1.90 7.89
N THR G 46 14.48 -0.93 7.92
CA THR G 46 14.39 0.28 7.11
C THR G 46 15.16 0.16 5.80
N VAL G 47 14.82 1.03 4.85
CA VAL G 47 15.55 1.18 3.59
C VAL G 47 15.55 2.66 3.21
N ILE G 48 16.73 3.21 2.94
CA ILE G 48 16.90 4.62 2.59
C ILE G 48 16.73 4.80 1.09
N ALA G 49 15.99 5.83 0.69
CA ALA G 49 15.69 6.05 -0.71
C ALA G 49 15.60 7.53 -1.02
N ALA G 50 15.83 7.89 -2.27
CA ALA G 50 15.64 9.24 -2.76
C ALA G 50 14.32 9.32 -3.52
N VAL G 51 13.61 10.42 -3.35
CA VAL G 51 12.29 10.58 -3.97
C VAL G 51 12.45 10.91 -5.44
N ILE G 52 11.58 10.35 -6.27
CA ILE G 52 11.56 10.62 -7.70
C ILE G 52 10.31 11.43 -7.99
N THR G 53 10.49 12.63 -8.54
CA THR G 53 9.39 13.51 -8.86
C THR G 53 9.10 13.49 -10.36
N SER G 54 7.86 13.82 -10.72
CA SER G 54 7.50 13.99 -12.12
C SER G 54 7.65 15.43 -12.56
N ASN G 55 7.85 16.36 -11.64
CA ASN G 55 8.14 17.75 -11.96
C ASN G 55 9.57 17.87 -12.46
N THR G 56 9.76 17.83 -13.79
CA THR G 56 11.10 17.86 -14.36
C THR G 56 11.82 19.17 -14.11
N ALA G 57 11.12 20.21 -13.66
CA ALA G 57 11.77 21.47 -13.36
C ALA G 57 12.78 21.34 -12.24
N LEU G 58 12.66 20.30 -11.40
CA LEU G 58 13.64 20.07 -10.35
C LEU G 58 14.97 19.57 -10.89
N ALA G 59 15.05 19.27 -12.20
CA ALA G 59 16.33 18.90 -12.79
C ALA G 59 17.30 20.06 -12.80
N ALA G 60 16.81 21.29 -12.71
CA ALA G 60 17.69 22.45 -12.64
C ALA G 60 18.46 22.49 -11.33
N MET G 61 17.84 22.02 -10.24
CA MET G 61 18.53 21.91 -8.97
C MET G 61 19.79 21.07 -9.11
N PRO G 62 20.94 21.54 -8.64
CA PRO G 62 22.19 20.79 -8.86
C PRO G 62 22.22 19.52 -8.03
N GLY G 63 22.69 18.44 -8.66
CA GLY G 63 22.75 17.14 -8.05
C GLY G 63 21.62 16.21 -8.46
N ASN G 64 20.43 16.76 -8.70
CA ASN G 64 19.30 15.96 -9.14
C ASN G 64 19.58 15.36 -10.52
N VAL G 65 18.90 14.26 -10.83
CA VAL G 65 19.23 13.50 -12.04
C VAL G 65 17.98 13.29 -12.87
N PHE G 66 18.02 13.71 -14.13
CA PHE G 66 16.89 13.52 -15.04
C PHE G 66 16.83 12.08 -15.54
N LEU G 67 15.64 11.51 -15.54
CA LEU G 67 15.41 10.12 -15.95
C LEU G 67 14.34 10.08 -17.04
N PRO G 68 14.69 9.80 -18.29
CA PRO G 68 13.67 9.65 -19.32
C PRO G 68 12.74 8.49 -19.01
N ALA G 69 11.51 8.58 -19.50
CA ALA G 69 10.54 7.52 -19.25
C ALA G 69 10.90 6.23 -19.97
N THR G 70 11.67 6.33 -21.05
CA THR G 70 12.20 5.15 -21.72
C THR G 70 13.23 4.42 -20.86
N THR G 71 13.82 5.11 -19.89
CA THR G 71 14.86 4.54 -19.05
C THR G 71 14.30 3.81 -17.83
N THR G 72 13.19 4.31 -17.27
CA THR G 72 12.66 3.80 -16.01
C THR G 72 11.43 2.91 -16.17
N ARG G 73 10.84 2.83 -17.37
CA ARG G 73 9.55 2.17 -17.59
C ARG G 73 8.44 2.83 -16.76
N LEU G 74 8.66 4.07 -16.35
CA LEU G 74 7.69 4.89 -15.65
C LEU G 74 6.77 5.57 -16.65
N PRO G 75 5.59 6.02 -16.21
CA PRO G 75 4.69 6.72 -17.13
C PRO G 75 5.33 7.91 -17.84
N ARG G 76 5.92 8.83 -17.09
CA ARG G 76 6.46 10.07 -17.64
C ARG G 76 7.94 10.22 -17.31
N ASP G 77 8.55 11.25 -17.91
CA ASP G 77 9.90 11.65 -17.54
C ASP G 77 9.92 12.08 -16.07
N SER G 78 11.03 11.78 -15.40
CA SER G 78 11.12 11.97 -13.96
C SER G 78 12.46 12.60 -13.60
N VAL G 79 12.60 12.94 -12.33
CA VAL G 79 13.85 13.48 -11.79
C VAL G 79 14.09 12.89 -10.40
N VAL G 80 15.27 12.34 -10.19
CA VAL G 80 15.71 11.93 -8.86
C VAL G 80 16.11 13.18 -8.09
N ASN G 81 15.41 13.45 -7.00
CA ASN G 81 15.68 14.59 -6.13
C ASN G 81 16.58 14.10 -5.00
N VAL G 82 17.89 14.37 -5.13
CA VAL G 82 18.84 13.88 -4.13
C VAL G 82 18.82 14.71 -2.85
N THR G 83 18.06 15.80 -2.82
CA THR G 83 17.85 16.57 -1.60
C THR G 83 16.64 16.10 -0.81
N ALA G 84 15.89 15.14 -1.35
CA ALA G 84 14.69 14.61 -0.72
C ALA G 84 14.95 13.13 -0.44
N ILE G 85 15.50 12.85 0.73
CA ILE G 85 15.89 11.51 1.13
C ILE G 85 14.97 11.05 2.24
N VAL G 86 14.43 9.84 2.11
CA VAL G 86 13.45 9.30 3.04
C VAL G 86 13.89 7.92 3.48
N THR G 87 13.54 7.58 4.72
CA THR G 87 13.82 6.25 5.29
C THR G 87 12.48 5.54 5.46
N LEU G 88 12.29 4.48 4.69
CA LEU G 88 11.03 3.75 4.67
C LEU G 88 11.20 2.36 5.26
N ASN G 89 10.09 1.79 5.72
CA ASN G 89 10.07 0.38 6.05
C ASN G 89 10.16 -0.45 4.77
N LYS G 90 10.94 -1.52 4.82
CA LYS G 90 11.05 -2.41 3.66
C LYS G 90 9.68 -2.94 3.25
N THR G 91 8.74 -3.01 4.20
CA THR G 91 7.39 -3.46 3.88
C THR G 91 6.65 -2.44 3.02
N ASP G 92 6.98 -1.16 3.15
CA ASP G 92 6.29 -0.13 2.39
C ASP G 92 6.57 -0.22 0.89
N LEU G 93 7.63 -0.90 0.49
CA LEU G 93 7.96 -1.04 -0.92
C LEU G 93 7.05 -2.09 -1.54
N THR G 94 6.22 -1.68 -2.50
CA THR G 94 5.27 -2.57 -3.13
C THR G 94 5.78 -2.94 -4.52
N ASP G 95 5.02 -2.58 -5.55
CA ASP G 95 5.42 -2.88 -6.92
C ASP G 95 6.78 -2.29 -7.24
N ARG G 96 7.64 -3.08 -7.86
CA ARG G 96 8.89 -2.56 -8.40
C ARG G 96 8.65 -2.01 -9.80
N VAL G 97 9.31 -0.90 -10.12
CA VAL G 97 9.12 -0.23 -11.39
C VAL G 97 10.21 -0.58 -12.39
N GLY G 98 11.43 -0.76 -11.91
CA GLY G 98 12.53 -1.04 -12.80
C GLY G 98 13.84 -0.64 -12.14
N GLU G 99 14.84 -0.36 -12.98
CA GLU G 99 16.18 -0.12 -12.49
C GLU G 99 16.82 1.04 -13.26
N VAL G 100 17.67 1.78 -12.56
CA VAL G 100 18.40 2.91 -13.15
C VAL G 100 19.73 2.42 -13.68
N PRO G 101 20.05 2.70 -14.94
CA PRO G 101 21.34 2.26 -15.51
C PRO G 101 22.54 2.77 -14.73
N ALA G 102 23.66 2.09 -14.95
CA ALA G 102 24.89 2.39 -14.22
C ALA G 102 25.34 3.84 -14.40
N SER G 103 25.24 4.37 -15.63
CA SER G 103 25.70 5.73 -15.88
C SER G 103 24.87 6.76 -15.12
N LEU G 104 23.55 6.62 -15.17
CA LEU G 104 22.70 7.55 -14.46
C LEU G 104 22.79 7.33 -12.95
N MET G 105 22.99 6.08 -12.53
CA MET G 105 23.20 5.82 -11.10
C MET G 105 24.51 6.43 -10.62
N HIS G 106 25.51 6.51 -11.50
CA HIS G 106 26.75 7.20 -11.15
C HIS G 106 26.50 8.70 -10.99
N GLU G 107 25.67 9.26 -11.86
CA GLU G 107 25.28 10.67 -11.68
C GLU G 107 24.57 10.88 -10.36
N VAL G 108 23.68 9.94 -9.99
CA VAL G 108 22.99 10.02 -8.70
C VAL G 108 23.97 9.94 -7.55
N ASP G 109 24.94 9.02 -7.64
CA ASP G 109 25.95 8.89 -6.59
C ASP G 109 26.72 10.19 -6.41
N ARG G 110 27.14 10.79 -7.52
CA ARG G 110 27.88 12.05 -7.43
C ARG G 110 27.02 13.15 -6.81
N GLY G 111 25.74 13.22 -7.21
CA GLY G 111 24.84 14.19 -6.60
C GLY G 111 24.68 13.98 -5.11
N LEU G 112 24.54 12.73 -4.68
CA LEU G 112 24.41 12.41 -3.26
C LEU G 112 25.66 12.82 -2.48
N ARG G 113 26.85 12.47 -3.00
CA ARG G 113 28.07 12.88 -2.34
C ARG G 113 28.18 14.39 -2.25
N ARG G 114 27.68 15.08 -3.29
CA ARG G 114 27.69 16.54 -3.30
C ARG G 114 26.79 17.11 -2.20
N VAL G 115 25.56 16.62 -2.11
CA VAL G 115 24.60 17.21 -1.17
C VAL G 115 24.89 16.78 0.27
N LEU G 116 25.62 15.69 0.46
CA LEU G 116 25.90 15.17 1.81
C LEU G 116 27.34 15.38 2.25
N ASP G 117 28.15 16.09 1.45
CA ASP G 117 29.55 16.33 1.76
C ASP G 117 30.30 15.03 2.01
N LEU G 118 30.11 14.07 1.11
CA LEU G 118 30.75 12.76 1.23
C LEU G 118 31.68 12.49 0.04
N MET H 5 -22.48 -30.60 -14.64
CA MET H 5 -21.63 -31.26 -13.65
C MET H 5 -21.49 -30.40 -12.39
N VAL H 6 -21.25 -31.05 -11.25
CA VAL H 6 -21.06 -30.32 -9.99
C VAL H 6 -19.81 -29.47 -10.12
N ILE H 7 -19.97 -28.16 -10.04
CA ILE H 7 -18.87 -27.20 -10.12
C ILE H 7 -18.81 -26.48 -8.78
N SER H 8 -17.83 -26.83 -7.95
CA SER H 8 -17.65 -26.18 -6.66
C SER H 8 -16.46 -25.22 -6.74
N ARG H 9 -16.46 -24.23 -5.86
CA ARG H 9 -15.35 -23.29 -5.82
C ARG H 9 -14.10 -23.97 -5.27
N ALA H 10 -12.94 -23.38 -5.58
CA ALA H 10 -11.62 -23.87 -5.20
C ALA H 10 -11.23 -25.12 -5.96
N GLU H 11 -12.10 -25.66 -6.81
CA GLU H 11 -11.80 -26.86 -7.57
C GLU H 11 -11.05 -26.52 -8.85
N ILE H 12 -10.21 -27.46 -9.27
CA ILE H 12 -9.42 -27.35 -10.49
C ILE H 12 -10.03 -28.26 -11.54
N TYR H 13 -10.21 -27.74 -12.75
CA TYR H 13 -10.77 -28.50 -13.86
C TYR H 13 -9.88 -28.35 -15.10
N TRP H 14 -10.09 -29.26 -16.06
CA TRP H 14 -9.49 -29.15 -17.38
C TRP H 14 -10.49 -28.52 -18.34
N ALA H 15 -10.00 -27.67 -19.24
CA ALA H 15 -10.85 -26.99 -20.21
C ALA H 15 -10.09 -26.84 -21.52
N ASP H 16 -10.65 -26.05 -22.43
CA ASP H 16 -10.03 -25.78 -23.72
C ASP H 16 -9.79 -24.28 -23.91
N ARG H 29 -5.76 -26.73 -20.86
CA ARG H 29 -5.11 -26.10 -19.72
C ARG H 29 -5.97 -26.22 -18.46
N PRO H 30 -5.33 -26.25 -17.29
CA PRO H 30 -6.08 -26.31 -16.04
C PRO H 30 -6.51 -24.94 -15.54
N VAL H 31 -7.69 -24.91 -14.93
CA VAL H 31 -8.27 -23.68 -14.43
C VAL H 31 -8.77 -23.91 -13.01
N LEU H 32 -8.73 -22.86 -12.21
CA LEU H 32 -9.18 -22.85 -10.83
C LEU H 32 -10.46 -22.04 -10.76
N VAL H 33 -11.53 -22.66 -10.27
CA VAL H 33 -12.82 -21.98 -10.20
C VAL H 33 -12.77 -20.91 -9.11
N ILE H 34 -13.05 -19.67 -9.50
CA ILE H 34 -13.12 -18.56 -8.54
C ILE H 34 -14.52 -17.97 -8.44
N GLN H 35 -15.46 -18.38 -9.28
CA GLN H 35 -16.83 -17.93 -9.16
C GLN H 35 -17.44 -18.50 -7.88
N SER H 36 -18.22 -17.66 -7.19
CA SER H 36 -18.80 -18.07 -5.91
C SER H 36 -19.80 -19.19 -6.09
N ASP H 37 -19.94 -20.01 -5.04
CA ASP H 37 -20.81 -21.17 -5.13
C ASP H 37 -22.28 -20.83 -5.33
N PRO H 38 -22.84 -19.72 -4.81
CA PRO H 38 -24.20 -19.34 -5.22
C PRO H 38 -24.38 -19.27 -6.73
N TYR H 39 -23.48 -18.57 -7.44
CA TYR H 39 -23.58 -18.49 -8.89
C TYR H 39 -23.24 -19.82 -9.54
N ASN H 40 -22.36 -20.61 -8.94
CA ASN H 40 -22.04 -21.92 -9.49
C ASN H 40 -23.25 -22.84 -9.47
N ALA H 41 -24.04 -22.75 -8.40
CA ALA H 41 -25.26 -23.55 -8.30
C ALA H 41 -26.40 -22.91 -9.08
N SER H 42 -26.32 -21.63 -9.39
CA SER H 42 -27.39 -21.03 -10.16
C SER H 42 -27.44 -21.64 -11.56
N ARG H 43 -28.48 -21.28 -12.30
CA ARG H 43 -28.67 -21.76 -13.67
C ARG H 43 -27.77 -21.05 -14.66
N LEU H 44 -26.92 -20.15 -14.16
CA LEU H 44 -25.99 -19.41 -14.98
C LEU H 44 -25.09 -20.35 -15.78
N ALA H 45 -25.07 -20.16 -17.11
CA ALA H 45 -24.31 -21.05 -17.97
C ALA H 45 -22.80 -20.88 -17.80
N THR H 46 -22.34 -19.72 -17.38
CA THR H 46 -20.92 -19.41 -17.30
C THR H 46 -20.34 -19.71 -15.92
N VAL H 47 -19.02 -19.85 -15.87
CA VAL H 47 -18.26 -19.99 -14.63
C VAL H 47 -16.93 -19.28 -14.80
N ILE H 48 -16.61 -18.39 -13.84
CA ILE H 48 -15.39 -17.60 -13.90
C ILE H 48 -14.25 -18.40 -13.26
N ALA H 49 -13.08 -18.37 -13.90
CA ALA H 49 -11.96 -19.16 -13.44
C ALA H 49 -10.65 -18.43 -13.72
N ALA H 50 -9.64 -18.74 -12.92
CA ALA H 50 -8.27 -18.25 -13.14
C ALA H 50 -7.43 -19.34 -13.77
N VAL H 51 -6.58 -18.95 -14.70
CA VAL H 51 -5.76 -19.92 -15.43
C VAL H 51 -4.61 -20.38 -14.55
N ILE H 52 -4.30 -21.67 -14.63
CA ILE H 52 -3.18 -22.27 -13.91
C ILE H 52 -2.12 -22.64 -14.93
N THR H 53 -0.92 -22.08 -14.77
CA THR H 53 0.19 -22.35 -15.67
C THR H 53 1.17 -23.32 -15.02
N SER H 54 1.92 -24.03 -15.85
CA SER H 54 2.99 -24.88 -15.37
C SER H 54 4.33 -24.16 -15.34
N ASN H 55 4.41 -22.97 -15.94
CA ASN H 55 5.59 -22.12 -15.88
C ASN H 55 5.68 -21.50 -14.49
N THR H 56 6.46 -22.13 -13.60
CA THR H 56 6.57 -21.67 -12.22
C THR H 56 7.22 -20.29 -12.10
N ALA H 57 7.86 -19.81 -13.17
CA ALA H 57 8.47 -18.48 -13.13
C ALA H 57 7.43 -17.39 -12.93
N LEU H 58 6.16 -17.66 -13.26
CA LEU H 58 5.10 -16.70 -13.02
C LEU H 58 4.77 -16.55 -11.54
N ALA H 59 5.34 -17.38 -10.67
CA ALA H 59 5.15 -17.19 -9.24
C ALA H 59 5.79 -15.90 -8.74
N ALA H 60 6.77 -15.37 -9.48
CA ALA H 60 7.38 -14.09 -9.10
C ALA H 60 6.42 -12.93 -9.30
N MET H 61 5.57 -13.00 -10.32
CA MET H 61 4.57 -11.97 -10.53
C MET H 61 3.70 -11.82 -9.28
N PRO H 62 3.49 -10.60 -8.80
CA PRO H 62 2.77 -10.43 -7.52
C PRO H 62 1.30 -10.79 -7.66
N GLY H 63 0.79 -11.50 -6.65
CA GLY H 63 -0.59 -11.97 -6.63
C GLY H 63 -0.75 -13.42 -7.03
N ASN H 64 0.09 -13.91 -7.94
CA ASN H 64 0.02 -15.31 -8.36
C ASN H 64 0.37 -16.22 -7.19
N VAL H 65 -0.11 -17.45 -7.25
CA VAL H 65 0.00 -18.37 -6.10
C VAL H 65 0.60 -19.69 -6.56
N PHE H 66 1.71 -20.09 -5.94
CA PHE H 66 2.35 -21.36 -6.28
C PHE H 66 1.57 -22.53 -5.68
N LEU H 67 1.37 -23.57 -6.49
CA LEU H 67 0.63 -24.75 -6.09
C LEU H 67 1.48 -25.99 -6.32
N PRO H 68 2.01 -26.62 -5.27
CA PRO H 68 2.76 -27.87 -5.47
C PRO H 68 1.88 -28.95 -6.07
N ALA H 69 2.52 -29.87 -6.80
CA ALA H 69 1.79 -30.98 -7.41
C ALA H 69 1.24 -31.95 -6.38
N THR H 70 1.86 -32.00 -5.19
CA THR H 70 1.32 -32.83 -4.11
C THR H 70 0.00 -32.27 -3.57
N THR H 71 -0.26 -30.98 -3.73
CA THR H 71 -1.48 -30.39 -3.20
C THR H 71 -2.64 -30.46 -4.18
N THR H 72 -2.36 -30.38 -5.48
CA THR H 72 -3.40 -30.29 -6.51
C THR H 72 -3.65 -31.61 -7.24
N ARG H 73 -2.82 -32.63 -7.02
CA ARG H 73 -2.87 -33.87 -7.78
C ARG H 73 -2.69 -33.63 -9.28
N LEU H 74 -2.07 -32.51 -9.64
CA LEU H 74 -1.74 -32.18 -11.01
C LEU H 74 -0.42 -32.83 -11.40
N PRO H 75 -0.16 -32.99 -12.70
CA PRO H 75 1.12 -33.58 -13.12
C PRO H 75 2.34 -32.89 -12.52
N ARG H 76 2.46 -31.58 -12.67
CA ARG H 76 3.64 -30.84 -12.24
C ARG H 76 3.26 -29.74 -11.26
N ASP H 77 4.28 -29.11 -10.69
CA ASP H 77 4.07 -27.89 -9.90
C ASP H 77 3.48 -26.80 -10.79
N SER H 78 2.60 -25.99 -10.22
CA SER H 78 1.81 -25.05 -11.00
C SER H 78 1.79 -23.69 -10.31
N VAL H 79 1.22 -22.71 -11.02
CA VAL H 79 1.02 -21.36 -10.50
C VAL H 79 -0.35 -20.86 -10.95
N VAL H 80 -1.15 -20.39 -10.00
CA VAL H 80 -2.39 -19.70 -10.29
C VAL H 80 -2.04 -18.28 -10.73
N ASN H 81 -2.38 -17.95 -11.97
CA ASN H 81 -2.15 -16.63 -12.55
C ASN H 81 -3.42 -15.82 -12.35
N VAL H 82 -3.42 -14.95 -11.34
CA VAL H 82 -4.61 -14.16 -11.03
C VAL H 82 -4.83 -13.00 -11.99
N THR H 83 -3.88 -12.75 -12.90
CA THR H 83 -4.06 -11.76 -13.95
C THR H 83 -4.66 -12.35 -15.21
N ALA H 84 -4.87 -13.66 -15.25
CA ALA H 84 -5.41 -14.37 -16.41
C ALA H 84 -6.73 -15.00 -15.97
N ILE H 85 -7.82 -14.23 -16.13
CA ILE H 85 -9.14 -14.65 -15.69
C ILE H 85 -10.00 -14.89 -16.93
N VAL H 86 -10.68 -16.03 -16.97
CA VAL H 86 -11.47 -16.42 -18.12
C VAL H 86 -12.88 -16.82 -17.66
N THR H 87 -13.86 -16.57 -18.52
CA THR H 87 -15.24 -16.95 -18.28
C THR H 87 -15.61 -18.04 -19.27
N LEU H 88 -15.72 -19.28 -18.78
CA LEU H 88 -16.03 -20.42 -19.62
C LEU H 88 -17.44 -20.92 -19.32
N ASN H 89 -18.03 -21.60 -20.30
CA ASN H 89 -19.27 -22.30 -20.05
C ASN H 89 -19.03 -23.43 -19.06
N LYS H 90 -20.00 -23.65 -18.18
CA LYS H 90 -19.92 -24.76 -17.23
C LYS H 90 -19.69 -26.09 -17.95
N THR H 91 -20.08 -26.19 -19.22
CA THR H 91 -19.84 -27.41 -19.99
C THR H 91 -18.38 -27.59 -20.38
N ASP H 92 -17.64 -26.51 -20.59
CA ASP H 92 -16.30 -26.64 -21.18
C ASP H 92 -15.35 -27.37 -20.25
N LEU H 93 -15.46 -27.12 -18.94
CA LEU H 93 -14.64 -27.86 -18.00
C LEU H 93 -15.23 -29.26 -17.94
N THR H 94 -14.46 -30.24 -18.39
CA THR H 94 -14.92 -31.62 -18.41
C THR H 94 -14.20 -32.55 -17.45
N ASP H 95 -12.95 -32.28 -17.07
CA ASP H 95 -12.20 -33.17 -16.18
C ASP H 95 -11.82 -32.43 -14.91
N ARG H 96 -12.11 -33.06 -13.78
CA ARG H 96 -11.68 -32.55 -12.49
C ARG H 96 -10.32 -33.09 -12.08
N VAL H 97 -9.52 -32.22 -11.47
CA VAL H 97 -8.18 -32.58 -11.02
C VAL H 97 -8.12 -32.69 -9.49
N GLY H 98 -8.85 -31.81 -8.79
CA GLY H 98 -8.79 -31.80 -7.33
C GLY H 98 -9.16 -30.41 -6.80
N GLU H 99 -8.68 -30.11 -5.60
CA GLU H 99 -9.06 -28.88 -4.90
C GLU H 99 -7.86 -28.22 -4.24
N VAL H 100 -7.92 -26.89 -4.15
CA VAL H 100 -6.87 -26.08 -3.52
C VAL H 100 -7.17 -25.88 -2.04
N PRO H 101 -6.23 -26.15 -1.13
CA PRO H 101 -6.48 -25.96 0.29
C PRO H 101 -6.89 -24.53 0.65
N ALA H 102 -7.50 -24.41 1.83
CA ALA H 102 -8.04 -23.13 2.29
C ALA H 102 -6.97 -22.03 2.35
N SER H 103 -5.77 -22.36 2.85
CA SER H 103 -4.72 -21.35 3.01
C SER H 103 -4.28 -20.80 1.65
N LEU H 104 -4.08 -21.69 0.68
CA LEU H 104 -3.63 -21.25 -0.65
C LEU H 104 -4.74 -20.50 -1.37
N MET H 105 -6.01 -20.90 -1.16
CA MET H 105 -7.13 -20.13 -1.71
C MET H 105 -7.24 -18.77 -1.05
N HIS H 106 -6.84 -18.64 0.21
CA HIS H 106 -6.80 -17.32 0.84
C HIS H 106 -5.76 -16.45 0.15
N GLU H 107 -4.61 -17.03 -0.17
CA GLU H 107 -3.60 -16.31 -0.94
C GLU H 107 -4.15 -15.91 -2.31
N VAL H 108 -4.88 -16.82 -2.96
CA VAL H 108 -5.50 -16.53 -4.26
C VAL H 108 -6.50 -15.39 -4.12
N ASP H 109 -7.32 -15.41 -3.08
CA ASP H 109 -8.29 -14.34 -2.82
C ASP H 109 -7.60 -13.00 -2.67
N ARG H 110 -6.51 -12.98 -1.89
CA ARG H 110 -5.78 -11.72 -1.70
C ARG H 110 -5.22 -11.22 -3.02
N GLY H 111 -4.66 -12.13 -3.83
CA GLY H 111 -4.17 -11.74 -5.14
C GLY H 111 -5.26 -11.18 -6.04
N LEU H 112 -6.43 -11.83 -6.04
CA LEU H 112 -7.56 -11.36 -6.84
C LEU H 112 -8.00 -9.98 -6.40
N ARG H 113 -8.14 -9.78 -5.09
CA ARG H 113 -8.52 -8.46 -4.57
C ARG H 113 -7.49 -7.40 -4.96
N ARG H 114 -6.21 -7.78 -4.98
CA ARG H 114 -5.18 -6.84 -5.39
C ARG H 114 -5.31 -6.47 -6.86
N VAL H 115 -5.48 -7.47 -7.73
CA VAL H 115 -5.47 -7.19 -9.17
C VAL H 115 -6.78 -6.55 -9.62
N LEU H 116 -7.86 -6.68 -8.84
CA LEU H 116 -9.15 -6.12 -9.21
C LEU H 116 -9.55 -4.93 -8.35
N ASP H 117 -8.66 -4.46 -7.48
CA ASP H 117 -8.93 -3.33 -6.57
C ASP H 117 -10.21 -3.56 -5.77
N LEU H 118 -10.32 -4.75 -5.21
CA LEU H 118 -11.48 -5.12 -4.42
C LEU H 118 -11.11 -5.46 -2.98
N LEU I 4 -8.93 -3.40 5.40
CA LEU I 4 -8.57 -3.85 6.74
C LEU I 4 -7.89 -2.75 7.53
N MET I 5 -6.75 -3.08 8.14
CA MET I 5 -5.92 -2.14 8.89
C MET I 5 -6.65 -1.53 10.08
N VAL I 6 -7.77 -2.14 10.50
CA VAL I 6 -8.47 -1.70 11.70
C VAL I 6 -8.30 -2.77 12.78
N ILE I 7 -7.12 -2.81 13.38
CA ILE I 7 -6.85 -3.79 14.43
C ILE I 7 -7.68 -3.43 15.66
N SER I 8 -8.58 -4.33 16.04
CA SER I 8 -9.41 -4.12 17.21
C SER I 8 -9.14 -5.21 18.24
N ARG I 9 -9.43 -4.89 19.50
CA ARG I 9 -9.27 -5.89 20.55
C ARG I 9 -10.34 -6.97 20.40
N ALA I 10 -10.04 -8.14 20.97
CA ALA I 10 -10.87 -9.34 20.94
C ALA I 10 -10.95 -9.98 19.57
N GLU I 11 -10.30 -9.41 18.55
CA GLU I 11 -10.31 -10.00 17.22
C GLU I 11 -9.20 -11.03 17.09
N ILE I 12 -9.46 -12.05 16.27
CA ILE I 12 -8.54 -13.15 16.02
C ILE I 12 -7.93 -12.98 14.64
N TYR I 13 -6.61 -13.12 14.55
CA TYR I 13 -5.90 -13.04 13.28
C TYR I 13 -4.97 -14.23 13.14
N TRP I 14 -4.51 -14.47 11.91
CA TRP I 14 -3.43 -15.40 11.66
C TRP I 14 -2.13 -14.62 11.59
N ALA I 15 -1.07 -15.18 12.16
CA ALA I 15 0.19 -14.46 12.19
C ALA I 15 1.35 -15.45 12.20
N ASP I 16 2.50 -14.97 11.74
CA ASP I 16 3.73 -15.76 11.73
C ASP I 16 4.50 -15.46 13.02
N LEU I 17 4.71 -16.48 13.83
CA LEU I 17 5.36 -16.30 15.12
C LEU I 17 6.83 -16.69 15.07
N LYS I 27 5.51 -21.01 13.70
CA LYS I 27 4.88 -21.09 12.39
C LYS I 27 3.73 -20.09 12.28
N ARG I 28 2.79 -20.38 11.37
CA ARG I 28 1.60 -19.57 11.19
C ARG I 28 0.53 -20.08 12.16
N ARG I 29 0.20 -19.27 13.16
CA ARG I 29 -0.73 -19.65 14.21
C ARG I 29 -1.72 -18.53 14.45
N PRO I 30 -2.86 -18.82 15.08
CA PRO I 30 -3.83 -17.77 15.40
C PRO I 30 -3.54 -17.08 16.71
N VAL I 31 -3.84 -15.77 16.74
CA VAL I 31 -3.61 -14.92 17.89
C VAL I 31 -4.85 -14.07 18.14
N LEU I 32 -5.05 -13.75 19.41
CA LEU I 32 -6.14 -12.92 19.91
C LEU I 32 -5.56 -11.58 20.33
N VAL I 33 -6.07 -10.50 19.73
CA VAL I 33 -5.57 -9.16 20.04
C VAL I 33 -6.03 -8.77 21.44
N ILE I 34 -5.08 -8.45 22.30
CA ILE I 34 -5.37 -7.98 23.65
C ILE I 34 -4.92 -6.55 23.89
N GLN I 35 -4.20 -5.95 22.95
CA GLN I 35 -3.84 -4.55 23.07
C GLN I 35 -5.09 -3.68 22.97
N SER I 36 -5.16 -2.66 23.81
CA SER I 36 -6.33 -1.79 23.84
C SER I 36 -6.47 -1.02 22.53
N ASP I 37 -7.71 -0.68 22.19
CA ASP I 37 -7.98 -0.03 20.92
C ASP I 37 -7.34 1.35 20.78
N PRO I 38 -7.19 2.15 21.84
CA PRO I 38 -6.37 3.38 21.68
C PRO I 38 -4.99 3.12 21.10
N TYR I 39 -4.26 2.14 21.64
CA TYR I 39 -2.94 1.82 21.09
C TYR I 39 -3.03 1.15 19.73
N ASN I 40 -4.10 0.39 19.49
CA ASN I 40 -4.28 -0.24 18.19
C ASN I 40 -4.47 0.79 17.10
N ALA I 41 -5.15 1.89 17.40
CA ALA I 41 -5.34 2.95 16.42
C ALA I 41 -4.13 3.87 16.31
N SER I 42 -3.28 3.91 17.33
CA SER I 42 -2.09 4.75 17.31
C SER I 42 -1.10 4.26 16.26
N ARG I 43 0.01 5.00 16.14
CA ARG I 43 1.01 4.64 15.14
C ARG I 43 1.82 3.42 15.57
N LEU I 44 1.95 3.21 16.90
CA LEU I 44 2.67 2.08 17.47
C LEU I 44 2.52 0.86 16.57
N ALA I 45 3.61 0.51 15.89
CA ALA I 45 3.58 -0.56 14.91
C ALA I 45 3.27 -1.91 15.53
N THR I 46 3.46 -2.03 16.82
CA THR I 46 3.30 -3.30 17.47
C THR I 46 1.86 -3.52 17.86
N VAL I 47 1.52 -4.77 18.08
CA VAL I 47 0.21 -5.12 18.58
C VAL I 47 0.42 -6.29 19.53
N ILE I 48 -0.04 -6.15 20.77
CA ILE I 48 0.17 -7.18 21.76
C ILE I 48 -0.99 -8.16 21.67
N ALA I 49 -0.67 -9.45 21.63
CA ALA I 49 -1.65 -10.49 21.42
C ALA I 49 -1.22 -11.76 22.14
N ALA I 50 -2.22 -12.58 22.44
CA ALA I 50 -2.05 -13.91 23.03
C ALA I 50 -2.24 -14.99 21.97
N VAL I 51 -1.46 -16.05 22.09
CA VAL I 51 -1.49 -17.17 21.16
C VAL I 51 -2.65 -18.10 21.49
N ILE I 52 -3.28 -18.62 20.43
CA ILE I 52 -4.36 -19.59 20.52
C ILE I 52 -3.85 -20.93 20.00
N THR I 53 -3.89 -21.95 20.86
CA THR I 53 -3.45 -23.29 20.55
C THR I 53 -4.63 -24.21 20.27
N SER I 54 -4.37 -25.30 19.56
CA SER I 54 -5.36 -26.32 19.28
C SER I 54 -5.38 -27.43 20.34
N ASN I 55 -4.39 -27.45 21.23
CA ASN I 55 -4.34 -28.40 22.33
C ASN I 55 -5.36 -28.01 23.39
N THR I 56 -6.51 -28.69 23.37
CA THR I 56 -7.52 -28.34 24.36
C THR I 56 -7.05 -28.67 25.76
N ALA I 57 -6.04 -29.53 25.89
CA ALA I 57 -5.50 -29.90 27.18
C ALA I 57 -4.85 -28.71 27.89
N LEU I 58 -4.40 -27.71 27.12
CA LEU I 58 -3.84 -26.53 27.81
C LEU I 58 -4.92 -25.69 28.47
N ALA I 59 -6.20 -26.02 28.26
CA ALA I 59 -7.25 -25.35 29.01
C ALA I 59 -7.17 -25.66 30.50
N ALA I 60 -6.45 -26.73 30.88
CA ALA I 60 -6.31 -27.04 32.30
C ALA I 60 -5.43 -26.04 33.03
N MET I 61 -4.42 -25.49 32.35
CA MET I 61 -3.61 -24.43 32.97
C MET I 61 -4.52 -23.27 33.38
N PRO I 62 -4.41 -22.78 34.61
CA PRO I 62 -5.39 -21.78 35.09
C PRO I 62 -5.21 -20.45 34.36
N GLY I 63 -6.34 -19.84 34.03
CA GLY I 63 -6.38 -18.58 33.29
C GLY I 63 -6.68 -18.72 31.81
N ASN I 64 -6.25 -19.83 31.22
CA ASN I 64 -6.49 -20.08 29.80
C ASN I 64 -7.98 -20.21 29.52
N VAL I 65 -8.37 -19.93 28.27
CA VAL I 65 -9.80 -19.85 27.96
C VAL I 65 -10.15 -20.70 26.76
N PHE I 66 -11.11 -21.60 26.97
CA PHE I 66 -11.61 -22.47 25.91
C PHE I 66 -12.45 -21.64 24.97
N LEU I 67 -12.21 -21.80 23.67
CA LEU I 67 -12.92 -21.10 22.62
C LEU I 67 -13.50 -22.17 21.72
N PRO I 68 -14.81 -22.43 21.78
CA PRO I 68 -15.42 -23.39 20.87
C PRO I 68 -15.26 -22.91 19.43
N ALA I 69 -15.18 -23.87 18.51
CA ALA I 69 -15.00 -23.51 17.11
C ALA I 69 -16.25 -22.83 16.53
N THR I 70 -17.43 -23.08 17.12
CA THR I 70 -18.64 -22.40 16.69
C THR I 70 -18.63 -20.91 17.02
N THR I 71 -17.84 -20.51 18.02
CA THR I 71 -17.70 -19.14 18.49
C THR I 71 -16.63 -18.37 17.73
N THR I 72 -15.60 -19.05 17.20
CA THR I 72 -14.44 -18.40 16.58
C THR I 72 -14.36 -18.48 15.03
N ARG I 73 -15.21 -19.26 14.36
CA ARG I 73 -15.08 -19.58 12.94
C ARG I 73 -13.76 -20.29 12.64
N LEU I 74 -12.98 -20.57 13.68
CA LEU I 74 -11.74 -21.29 13.46
C LEU I 74 -12.11 -22.74 13.17
N PRO I 75 -11.25 -23.49 12.47
CA PRO I 75 -11.60 -24.88 12.15
C PRO I 75 -11.96 -25.71 13.35
N ARG I 76 -11.11 -25.76 14.38
CA ARG I 76 -11.38 -26.63 15.51
C ARG I 76 -11.54 -25.81 16.77
N ASP I 77 -11.94 -26.50 17.83
CA ASP I 77 -11.94 -25.91 19.17
C ASP I 77 -10.53 -25.55 19.58
N SER I 78 -10.39 -24.43 20.28
CA SER I 78 -9.07 -23.91 20.57
C SER I 78 -9.02 -23.42 22.01
N VAL I 79 -7.84 -22.99 22.44
CA VAL I 79 -7.62 -22.45 23.77
C VAL I 79 -6.67 -21.26 23.72
N VAL I 80 -7.10 -20.15 24.31
CA VAL I 80 -6.26 -18.98 24.54
C VAL I 80 -5.31 -19.27 25.68
N ASN I 81 -4.02 -19.21 25.40
CA ASN I 81 -2.95 -19.39 26.40
C ASN I 81 -2.51 -18.02 26.89
N VAL I 82 -2.97 -17.63 28.08
CA VAL I 82 -2.72 -16.30 28.64
C VAL I 82 -1.29 -16.22 29.17
N THR I 83 -0.57 -17.34 29.13
CA THR I 83 0.84 -17.39 29.47
C THR I 83 1.73 -17.17 28.25
N ALA I 84 1.15 -17.09 27.05
CA ALA I 84 1.90 -16.90 25.80
C ALA I 84 1.47 -15.59 25.15
N ILE I 85 2.17 -14.51 25.46
CA ILE I 85 1.85 -13.18 24.92
C ILE I 85 2.95 -12.77 23.96
N VAL I 86 2.56 -12.29 22.79
CA VAL I 86 3.52 -11.92 21.76
C VAL I 86 3.23 -10.49 21.30
N THR I 87 4.29 -9.78 20.95
CA THR I 87 4.23 -8.42 20.44
C THR I 87 4.64 -8.46 18.98
N LEU I 88 3.66 -8.38 18.10
CA LEU I 88 3.84 -8.51 16.67
C LEU I 88 3.67 -7.16 16.00
N ASN I 89 4.20 -7.06 14.78
CA ASN I 89 3.99 -5.88 13.96
C ASN I 89 2.61 -5.94 13.34
N LYS I 90 1.91 -4.80 13.37
CA LYS I 90 0.57 -4.71 12.80
C LYS I 90 0.52 -5.22 11.37
N THR I 91 1.65 -5.15 10.66
CA THR I 91 1.70 -5.68 9.30
C THR I 91 1.63 -7.19 9.29
N ASP I 92 2.11 -7.84 10.35
CA ASP I 92 2.12 -9.30 10.41
C ASP I 92 0.72 -9.89 10.50
N LEU I 93 -0.26 -9.10 10.89
CA LEU I 93 -1.63 -9.58 10.98
C LEU I 93 -2.24 -9.66 9.59
N THR I 94 -2.57 -10.87 9.15
CA THR I 94 -3.08 -11.08 7.80
C THR I 94 -4.59 -11.27 7.83
N ASP I 95 -5.05 -12.44 7.41
CA ASP I 95 -6.47 -12.74 7.40
C ASP I 95 -7.06 -12.60 8.80
N ARG I 96 -8.20 -11.91 8.90
CA ARG I 96 -8.94 -11.89 10.15
C ARG I 96 -9.86 -13.10 10.18
N VAL I 97 -9.97 -13.71 11.36
CA VAL I 97 -10.74 -14.94 11.52
C VAL I 97 -12.12 -14.66 12.09
N GLY I 98 -12.22 -13.69 13.00
CA GLY I 98 -13.47 -13.42 13.66
C GLY I 98 -13.21 -12.74 14.99
N GLU I 99 -14.19 -12.89 15.88
CA GLU I 99 -14.18 -12.16 17.14
C GLU I 99 -14.60 -13.06 18.29
N VAL I 100 -14.03 -12.78 19.46
CA VAL I 100 -14.34 -13.53 20.68
C VAL I 100 -15.49 -12.83 21.40
N PRO I 101 -16.55 -13.56 21.78
CA PRO I 101 -17.68 -12.94 22.48
C PRO I 101 -17.25 -12.25 23.77
N ALA I 102 -18.12 -11.33 24.21
CA ALA I 102 -17.82 -10.50 25.39
C ALA I 102 -17.58 -11.36 26.63
N SER I 103 -18.39 -12.39 26.84
CA SER I 103 -18.26 -13.21 28.04
C SER I 103 -16.93 -13.94 28.07
N LEU I 104 -16.53 -14.53 26.94
CA LEU I 104 -15.26 -15.23 26.88
C LEU I 104 -14.10 -14.25 26.92
N MET I 105 -14.27 -13.05 26.35
CA MET I 105 -13.23 -12.05 26.45
C MET I 105 -13.07 -11.57 27.88
N HIS I 106 -14.14 -11.55 28.67
CA HIS I 106 -14.03 -11.24 30.09
C HIS I 106 -13.24 -12.32 30.81
N GLU I 107 -13.48 -13.58 30.44
CA GLU I 107 -12.68 -14.67 31.00
C GLU I 107 -11.20 -14.48 30.65
N VAL I 108 -10.92 -14.08 29.40
CA VAL I 108 -9.54 -13.82 28.98
C VAL I 108 -8.94 -12.69 29.80
N ASP I 109 -9.72 -11.61 30.01
CA ASP I 109 -9.25 -10.48 30.81
C ASP I 109 -8.88 -10.92 32.22
N ARG I 110 -9.73 -11.72 32.85
CA ARG I 110 -9.43 -12.18 34.20
C ARG I 110 -8.20 -13.08 34.23
N GLY I 111 -8.08 -13.97 33.24
CA GLY I 111 -6.88 -14.79 33.15
C GLY I 111 -5.62 -13.96 32.99
N LEU I 112 -5.67 -12.94 32.15
CA LEU I 112 -4.53 -12.05 31.95
C LEU I 112 -4.16 -11.34 33.23
N ARG I 113 -5.17 -10.79 33.94
CA ARG I 113 -4.90 -10.13 35.21
C ARG I 113 -4.28 -11.09 36.21
N ARG I 114 -4.70 -12.36 36.17
CA ARG I 114 -4.11 -13.35 37.08
C ARG I 114 -2.64 -13.59 36.74
N VAL I 115 -2.33 -13.80 35.46
CA VAL I 115 -0.96 -14.19 35.11
C VAL I 115 -0.02 -12.98 35.18
N LEU I 116 -0.55 -11.76 35.14
CA LEU I 116 0.27 -10.56 35.15
C LEU I 116 0.19 -9.78 36.46
N ASP I 117 -0.49 -10.33 37.47
CA ASP I 117 -0.65 -9.68 38.78
C ASP I 117 -1.20 -8.26 38.62
N LEU I 118 -2.26 -8.14 37.82
CA LEU I 118 -2.89 -6.85 37.58
C LEU I 118 -4.34 -6.84 38.06
N VAL J 6 -3.08 5.70 -21.60
CA VAL J 6 -3.14 5.17 -20.25
C VAL J 6 -4.50 4.53 -19.99
N ILE J 7 -4.47 3.24 -19.64
CA ILE J 7 -5.68 2.50 -19.30
C ILE J 7 -5.93 2.64 -17.81
N SER J 8 -7.14 3.04 -17.45
CA SER J 8 -7.52 3.23 -16.06
C SER J 8 -8.78 2.43 -15.75
N ARG J 9 -8.95 2.11 -14.47
CA ARG J 9 -10.14 1.40 -14.04
C ARG J 9 -11.35 2.33 -14.17
N ALA J 10 -12.53 1.71 -14.23
CA ALA J 10 -13.83 2.37 -14.40
C ALA J 10 -14.02 2.92 -15.81
N GLU J 11 -13.03 2.81 -16.68
CA GLU J 11 -13.17 3.30 -18.05
C GLU J 11 -13.82 2.24 -18.94
N ILE J 12 -14.58 2.72 -19.93
CA ILE J 12 -15.26 1.87 -20.90
C ILE J 12 -14.54 1.97 -22.22
N TYR J 13 -14.27 0.81 -22.84
CA TYR J 13 -13.62 0.77 -24.14
C TYR J 13 -14.40 -0.17 -25.06
N TRP J 14 -14.12 -0.05 -26.35
CA TRP J 14 -14.59 -1.01 -27.34
C TRP J 14 -13.48 -2.03 -27.60
N ALA J 15 -13.87 -3.30 -27.66
CA ALA J 15 -12.89 -4.37 -27.81
C ALA J 15 -13.50 -5.55 -28.55
N ASP J 16 -12.63 -6.32 -29.19
CA ASP J 16 -13.04 -7.51 -29.93
C ASP J 16 -12.92 -8.72 -29.02
N LEU J 17 -14.05 -9.36 -28.74
CA LEU J 17 -14.09 -10.46 -27.78
C LEU J 17 -13.87 -11.79 -28.50
N GLY J 18 -14.13 -12.90 -27.81
CA GLY J 18 -13.96 -14.22 -28.37
C GLY J 18 -12.77 -14.96 -27.80
N PRO J 30 -18.70 -3.46 -25.88
CA PRO J 30 -18.07 -2.59 -24.89
C PRO J 30 -17.70 -3.32 -23.60
N VAL J 31 -16.59 -2.92 -23.00
CA VAL J 31 -16.08 -3.54 -21.79
C VAL J 31 -15.70 -2.45 -20.80
N LEU J 32 -15.85 -2.77 -19.52
CA LEU J 32 -15.51 -1.89 -18.41
C LEU J 32 -14.26 -2.45 -17.73
N VAL J 33 -13.21 -1.62 -17.65
CA VAL J 33 -11.96 -2.08 -17.05
C VAL J 33 -12.15 -2.22 -15.55
N ILE J 34 -11.85 -3.42 -15.04
CA ILE J 34 -11.93 -3.69 -13.60
C ILE J 34 -10.58 -4.01 -13.01
N GLN J 35 -9.54 -4.18 -13.82
CA GLN J 35 -8.19 -4.38 -13.31
C GLN J 35 -7.69 -3.12 -12.61
N SER J 36 -7.02 -3.31 -11.49
CA SER J 36 -6.56 -2.19 -10.67
C SER J 36 -5.51 -1.36 -11.41
N ASP J 37 -5.46 -0.07 -11.10
CA ASP J 37 -4.56 0.83 -11.80
C ASP J 37 -3.08 0.54 -11.60
N PRO J 38 -2.60 0.05 -10.44
CA PRO J 38 -1.20 -0.39 -10.37
C PRO J 38 -0.84 -1.38 -11.47
N TYR J 39 -1.65 -2.42 -11.67
CA TYR J 39 -1.40 -3.39 -12.73
C TYR J 39 -1.62 -2.79 -14.11
N ASN J 40 -2.56 -1.85 -14.23
CA ASN J 40 -2.85 -1.23 -15.52
C ASN J 40 -1.66 -0.41 -15.99
N ALA J 41 -1.00 0.30 -15.09
CA ALA J 41 0.18 1.07 -15.47
C ALA J 41 1.41 0.20 -15.57
N SER J 42 1.38 -0.98 -14.96
CA SER J 42 2.50 -1.91 -15.03
C SER J 42 2.65 -2.45 -16.46
N ARG J 43 3.67 -3.27 -16.63
CA ARG J 43 3.97 -3.90 -17.90
C ARG J 43 3.08 -5.11 -18.21
N LEU J 44 2.12 -5.44 -17.35
CA LEU J 44 1.24 -6.57 -17.64
C LEU J 44 0.56 -6.33 -18.98
N ALA J 45 0.78 -7.25 -19.93
CA ALA J 45 0.24 -7.06 -21.27
C ALA J 45 -1.27 -7.14 -21.29
N THR J 46 -1.87 -7.85 -20.35
CA THR J 46 -3.31 -8.09 -20.32
C THR J 46 -4.01 -7.07 -19.43
N VAL J 47 -5.33 -6.95 -19.63
CA VAL J 47 -6.17 -6.11 -18.78
C VAL J 47 -7.51 -6.82 -18.60
N ILE J 48 -7.93 -6.96 -17.35
CA ILE J 48 -9.16 -7.67 -17.01
C ILE J 48 -10.33 -6.69 -17.09
N ALA J 49 -11.43 -7.14 -17.69
CA ALA J 49 -12.59 -6.28 -17.90
C ALA J 49 -13.87 -7.10 -17.82
N ALA J 50 -14.96 -6.41 -17.46
CA ALA J 50 -16.29 -7.00 -17.47
C ALA J 50 -17.05 -6.53 -18.71
N VAL J 51 -17.81 -7.44 -19.29
CA VAL J 51 -18.53 -7.15 -20.53
C VAL J 51 -19.80 -6.37 -20.21
N ILE J 52 -20.15 -5.42 -21.08
CA ILE J 52 -21.36 -4.65 -20.96
C ILE J 52 -22.32 -5.16 -22.02
N THR J 53 -23.49 -5.60 -21.59
CA THR J 53 -24.50 -6.16 -22.48
C THR J 53 -25.56 -5.12 -22.77
N SER J 54 -26.20 -5.28 -23.93
CA SER J 54 -27.34 -4.45 -24.31
C SER J 54 -28.67 -5.08 -23.92
N ASN J 55 -28.67 -6.34 -23.50
CA ASN J 55 -29.88 -6.95 -22.98
C ASN J 55 -30.16 -6.40 -21.58
N THR J 56 -31.00 -5.37 -21.48
CA THR J 56 -31.27 -4.78 -20.17
C THR J 56 -31.96 -5.76 -19.24
N ALA J 57 -32.48 -6.86 -19.78
CA ALA J 57 -33.07 -7.92 -18.97
C ALA J 57 -32.02 -8.57 -18.09
N LEU J 58 -30.75 -8.47 -18.45
CA LEU J 58 -29.68 -8.99 -17.60
C LEU J 58 -29.49 -8.17 -16.35
N ALA J 59 -30.15 -7.01 -16.23
CA ALA J 59 -30.12 -6.25 -14.99
C ALA J 59 -30.80 -6.99 -13.85
N ALA J 60 -31.70 -7.93 -14.16
CA ALA J 60 -32.34 -8.72 -13.12
C ALA J 60 -31.38 -9.70 -12.47
N MET J 61 -30.41 -10.21 -13.23
CA MET J 61 -29.40 -11.09 -12.68
C MET J 61 -28.67 -10.39 -11.53
N PRO J 62 -28.50 -11.04 -10.39
CA PRO J 62 -27.93 -10.34 -9.22
C PRO J 62 -26.46 -10.03 -9.43
N GLY J 63 -26.06 -8.82 -9.02
CA GLY J 63 -24.72 -8.33 -9.16
C GLY J 63 -24.49 -7.43 -10.36
N ASN J 64 -25.22 -7.66 -11.45
CA ASN J 64 -25.09 -6.82 -12.63
C ASN J 64 -25.56 -5.40 -12.32
N VAL J 65 -25.06 -4.42 -13.10
CA VAL J 65 -25.29 -3.02 -12.78
C VAL J 65 -25.86 -2.31 -14.00
N PHE J 66 -27.02 -1.69 -13.85
CA PHE J 66 -27.60 -0.95 -14.97
C PHE J 66 -26.89 0.38 -15.18
N LEU J 67 -26.56 0.69 -16.42
CA LEU J 67 -25.84 1.91 -16.78
C LEU J 67 -26.65 2.66 -17.83
N PRO J 68 -27.30 3.77 -17.48
CA PRO J 68 -28.01 4.57 -18.49
C PRO J 68 -27.06 5.11 -19.54
N ALA J 69 -27.60 5.32 -20.74
CA ALA J 69 -26.80 5.86 -21.83
C ALA J 69 -26.45 7.33 -21.62
N THR J 70 -27.26 8.06 -20.85
CA THR J 70 -26.92 9.45 -20.58
C THR J 70 -25.70 9.58 -19.67
N THR J 71 -25.41 8.57 -18.84
CA THR J 71 -24.30 8.70 -17.91
C THR J 71 -22.98 8.26 -18.52
N THR J 72 -23.02 7.32 -19.46
CA THR J 72 -21.84 6.70 -20.04
C THR J 72 -21.46 7.28 -21.39
N ARG J 73 -22.28 8.17 -21.96
CA ARG J 73 -22.10 8.67 -23.32
C ARG J 73 -22.17 7.52 -24.34
N LEU J 74 -22.81 6.42 -23.97
CA LEU J 74 -23.02 5.25 -24.81
C LEU J 74 -24.27 5.40 -25.66
N PRO J 75 -24.34 4.68 -26.79
CA PRO J 75 -25.54 4.73 -27.64
C PRO J 75 -26.83 4.39 -26.91
N ARG J 76 -26.89 3.24 -26.26
CA ARG J 76 -28.10 2.75 -25.63
C ARG J 76 -27.86 2.48 -24.15
N ASP J 77 -28.95 2.22 -23.43
CA ASP J 77 -28.83 1.74 -22.06
C ASP J 77 -28.13 0.38 -22.04
N SER J 78 -27.32 0.16 -21.01
CA SER J 78 -26.48 -1.03 -20.94
C SER J 78 -26.55 -1.64 -19.56
N VAL J 79 -25.93 -2.80 -19.41
CA VAL J 79 -25.82 -3.47 -18.12
C VAL J 79 -24.42 -4.07 -18.01
N VAL J 80 -23.73 -3.76 -16.92
CA VAL J 80 -22.46 -4.40 -16.63
C VAL J 80 -22.76 -5.80 -16.12
N ASN J 81 -22.30 -6.81 -16.87
CA ASN J 81 -22.48 -8.23 -16.52
C ASN J 81 -21.23 -8.67 -15.77
N VAL J 82 -21.33 -8.74 -14.44
CA VAL J 82 -20.18 -9.09 -13.61
C VAL J 82 -19.89 -10.58 -13.62
N THR J 83 -20.74 -11.39 -14.25
CA THR J 83 -20.47 -12.81 -14.42
C THR J 83 -19.74 -13.11 -15.73
N ALA J 84 -19.52 -12.10 -16.56
CA ALA J 84 -18.86 -12.24 -17.85
C ALA J 84 -17.56 -11.41 -17.80
N ILE J 85 -16.48 -12.06 -17.38
CA ILE J 85 -15.20 -11.40 -17.16
C ILE J 85 -14.22 -11.91 -18.22
N VAL J 86 -13.51 -10.99 -18.87
CA VAL J 86 -12.60 -11.32 -19.95
C VAL J 86 -11.25 -10.67 -19.69
N THR J 87 -10.20 -11.34 -20.13
CA THR J 87 -8.83 -10.83 -20.03
C THR J 87 -8.33 -10.53 -21.43
N LEU J 88 -8.23 -9.25 -21.77
CA LEU J 88 -7.82 -8.83 -23.11
C LEU J 88 -6.45 -8.17 -23.06
N ASN J 89 -5.79 -8.15 -24.21
CA ASN J 89 -4.55 -7.41 -24.34
C ASN J 89 -4.83 -5.91 -24.30
N LYS J 90 -3.86 -5.15 -23.79
CA LYS J 90 -4.02 -3.71 -23.73
C LYS J 90 -4.13 -3.10 -25.12
N THR J 91 -3.57 -3.77 -26.13
CA THR J 91 -3.63 -3.26 -27.50
C THR J 91 -5.02 -3.35 -28.12
N ASP J 92 -5.82 -4.35 -27.76
CA ASP J 92 -7.13 -4.49 -28.41
C ASP J 92 -8.05 -3.33 -28.07
N LEU J 93 -7.77 -2.62 -26.99
CA LEU J 93 -8.59 -1.49 -26.59
C LEU J 93 -8.28 -0.28 -27.48
N THR J 94 -9.27 0.13 -28.27
CA THR J 94 -9.15 1.20 -29.23
C THR J 94 -9.85 2.43 -28.65
N ASP J 95 -10.94 2.84 -29.28
CA ASP J 95 -11.71 4.00 -28.84
C ASP J 95 -12.16 3.86 -27.39
N ARG J 96 -11.94 4.91 -26.60
CA ARG J 96 -12.51 5.01 -25.26
C ARG J 96 -13.89 5.66 -25.34
N VAL J 97 -14.81 5.17 -24.52
CA VAL J 97 -16.18 5.65 -24.51
C VAL J 97 -16.43 6.67 -23.40
N GLY J 98 -15.80 6.47 -22.25
CA GLY J 98 -15.99 7.34 -21.12
C GLY J 98 -15.69 6.57 -19.84
N GLU J 99 -16.29 7.04 -18.76
CA GLU J 99 -16.02 6.47 -17.44
C GLU J 99 -17.31 6.35 -16.65
N VAL J 100 -17.37 5.34 -15.80
CA VAL J 100 -18.53 5.07 -14.96
C VAL J 100 -18.34 5.82 -13.65
N PRO J 101 -19.33 6.60 -13.19
CA PRO J 101 -19.19 7.33 -11.93
C PRO J 101 -18.87 6.42 -10.76
N ALA J 102 -18.34 7.05 -9.70
CA ALA J 102 -17.90 6.31 -8.53
C ALA J 102 -19.03 5.52 -7.88
N SER J 103 -20.24 6.08 -7.81
CA SER J 103 -21.33 5.36 -7.15
C SER J 103 -21.64 4.06 -7.89
N LEU J 104 -21.80 4.14 -9.20
CA LEU J 104 -22.15 2.95 -9.98
C LEU J 104 -20.99 1.98 -10.00
N MET J 105 -19.75 2.50 -10.01
CA MET J 105 -18.59 1.62 -9.91
C MET J 105 -18.52 0.93 -8.55
N HIS J 106 -19.02 1.58 -7.50
CA HIS J 106 -19.12 0.90 -6.20
C HIS J 106 -20.13 -0.23 -6.27
N GLU J 107 -21.25 0.00 -6.95
CA GLU J 107 -22.20 -1.08 -7.15
C GLU J 107 -21.55 -2.22 -7.94
N VAL J 108 -20.76 -1.89 -8.97
CA VAL J 108 -20.05 -2.90 -9.75
C VAL J 108 -19.06 -3.68 -8.88
N ASP J 109 -18.30 -2.97 -8.03
CA ASP J 109 -17.36 -3.63 -7.13
C ASP J 109 -18.07 -4.61 -6.22
N ARG J 110 -19.21 -4.21 -5.65
CA ARG J 110 -19.95 -5.11 -4.77
C ARG J 110 -20.43 -6.34 -5.52
N GLY J 111 -20.92 -6.15 -6.75
CA GLY J 111 -21.30 -7.31 -7.57
C GLY J 111 -20.13 -8.24 -7.85
N LEU J 112 -18.97 -7.67 -8.16
CA LEU J 112 -17.77 -8.49 -8.41
C LEU J 112 -17.38 -9.28 -7.17
N ARG J 113 -17.37 -8.62 -6.00
CA ARG J 113 -17.06 -9.31 -4.76
C ARG J 113 -18.05 -10.43 -4.48
N ARG J 114 -19.32 -10.21 -4.81
CA ARG J 114 -20.33 -11.25 -4.63
C ARG J 114 -20.05 -12.44 -5.56
N VAL J 115 -19.79 -12.17 -6.84
CA VAL J 115 -19.64 -13.26 -7.80
C VAL J 115 -18.31 -13.98 -7.68
N LEU J 116 -17.31 -13.37 -7.04
CA LEU J 116 -16.00 -13.99 -6.88
C LEU J 116 -15.71 -14.40 -5.45
N ASP J 117 -16.67 -14.25 -4.54
CA ASP J 117 -16.52 -14.59 -3.13
C ASP J 117 -15.29 -13.92 -2.52
N LEU J 118 -15.16 -12.62 -2.79
CA LEU J 118 -14.04 -11.85 -2.27
C LEU J 118 -14.53 -10.71 -1.39
N VAL K 6 -23.41 34.88 -4.64
CA VAL K 6 -23.36 33.64 -3.88
C VAL K 6 -22.79 32.52 -4.74
N ILE K 7 -21.74 32.84 -5.49
CA ILE K 7 -21.14 31.86 -6.39
C ILE K 7 -20.51 30.73 -5.59
N SER K 8 -20.63 29.51 -6.11
CA SER K 8 -20.12 28.32 -5.44
C SER K 8 -19.44 27.42 -6.46
N ARG K 9 -18.55 26.57 -5.95
CA ARG K 9 -17.85 25.61 -6.80
C ARG K 9 -18.83 24.55 -7.32
N ALA K 10 -18.44 23.93 -8.44
CA ALA K 10 -19.18 22.91 -9.18
C ALA K 10 -20.40 23.46 -9.89
N GLU K 11 -20.70 24.75 -9.73
CA GLU K 11 -21.86 25.34 -10.39
C GLU K 11 -21.52 25.78 -11.80
N ILE K 12 -22.52 25.72 -12.68
CA ILE K 12 -22.38 26.12 -14.07
C ILE K 12 -23.10 27.46 -14.27
N TYR K 13 -22.43 28.39 -14.94
CA TYR K 13 -23.00 29.69 -15.24
C TYR K 13 -22.83 29.99 -16.72
N TRP K 14 -23.59 30.99 -17.19
CA TRP K 14 -23.41 31.54 -18.52
C TRP K 14 -22.53 32.79 -18.44
N ALA K 15 -21.63 32.94 -19.40
CA ALA K 15 -20.71 34.06 -19.38
C ALA K 15 -20.27 34.38 -20.81
N ASP K 16 -19.82 35.62 -21.00
CA ASP K 16 -19.33 36.08 -22.30
C ASP K 16 -17.84 35.80 -22.40
N LEU K 17 -17.48 34.90 -23.31
CA LEU K 17 -16.08 34.50 -23.48
C LEU K 17 -15.43 35.28 -24.63
N ARG K 29 -21.25 31.36 -23.72
CA ARG K 29 -20.84 29.99 -23.46
C ARG K 29 -20.95 29.66 -21.98
N PRO K 30 -21.17 28.39 -21.66
CA PRO K 30 -21.24 27.96 -20.26
C PRO K 30 -19.87 27.64 -19.66
N VAL K 31 -19.73 27.93 -18.37
CA VAL K 31 -18.50 27.71 -17.64
C VAL K 31 -18.81 27.03 -16.32
N LEU K 32 -17.88 26.21 -15.86
CA LEU K 32 -17.99 25.50 -14.58
C LEU K 32 -17.02 26.13 -13.60
N VAL K 33 -17.55 26.57 -12.46
CA VAL K 33 -16.72 27.22 -11.45
C VAL K 33 -15.79 26.20 -10.81
N ILE K 34 -14.49 26.47 -10.88
CA ILE K 34 -13.48 25.61 -10.27
C ILE K 34 -12.71 26.29 -9.15
N GLN K 35 -12.91 27.59 -8.95
CA GLN K 35 -12.27 28.28 -7.83
C GLN K 35 -12.87 27.78 -6.51
N SER K 36 -12.02 27.61 -5.50
CA SER K 36 -12.48 27.07 -4.22
C SER K 36 -13.47 28.03 -3.57
N ASP K 37 -14.40 27.47 -2.79
CA ASP K 37 -15.48 28.27 -2.21
C ASP K 37 -14.98 29.29 -1.18
N PRO K 38 -13.92 28.99 -0.43
CA PRO K 38 -13.34 30.03 0.43
C PRO K 38 -12.98 31.29 -0.33
N TYR K 39 -12.25 31.15 -1.45
CA TYR K 39 -11.90 32.29 -2.28
C TYR K 39 -13.10 32.82 -3.06
N ASN K 40 -14.06 31.95 -3.41
CA ASN K 40 -15.26 32.42 -4.10
C ASN K 40 -16.06 33.39 -3.24
N ALA K 41 -16.18 33.08 -1.95
CA ALA K 41 -16.90 33.91 -1.00
C ALA K 41 -16.07 35.08 -0.48
N SER K 42 -14.75 35.02 -0.67
CA SER K 42 -13.83 36.06 -0.19
C SER K 42 -14.11 37.39 -0.87
N ARG K 43 -13.36 38.43 -0.48
CA ARG K 43 -13.52 39.74 -1.07
C ARG K 43 -12.89 39.82 -2.46
N LEU K 44 -12.32 38.72 -2.93
CA LEU K 44 -11.76 38.62 -4.27
C LEU K 44 -12.82 38.85 -5.36
N ALA K 45 -12.51 39.76 -6.29
CA ALA K 45 -13.38 40.05 -7.43
C ALA K 45 -13.42 38.96 -8.49
N THR K 46 -12.37 38.16 -8.64
CA THR K 46 -12.28 37.19 -9.74
C THR K 46 -12.79 35.80 -9.35
N VAL K 47 -13.09 35.00 -10.38
CA VAL K 47 -13.46 33.60 -10.21
C VAL K 47 -12.92 32.80 -11.40
N ILE K 48 -12.21 31.71 -11.09
CA ILE K 48 -11.61 30.84 -12.09
C ILE K 48 -12.62 29.78 -12.50
N ALA K 49 -12.71 29.50 -13.80
CA ALA K 49 -13.69 28.57 -14.33
C ALA K 49 -13.12 27.83 -15.53
N ALA K 50 -13.66 26.65 -15.79
CA ALA K 50 -13.33 25.89 -16.98
C ALA K 50 -14.45 26.02 -18.00
N VAL K 51 -14.08 26.14 -19.28
CA VAL K 51 -15.06 26.34 -20.33
C VAL K 51 -15.74 25.00 -20.63
N ILE K 52 -17.06 25.05 -20.85
CA ILE K 52 -17.85 23.87 -21.19
C ILE K 52 -18.27 24.00 -22.64
N THR K 53 -17.89 23.03 -23.47
CA THR K 53 -18.24 23.03 -24.87
C THR K 53 -19.38 22.06 -25.13
N SER K 54 -20.13 22.32 -26.20
CA SER K 54 -21.16 21.40 -26.64
C SER K 54 -20.66 20.40 -27.67
N ASN K 55 -19.45 20.60 -28.20
CA ASN K 55 -18.82 19.65 -29.09
C ASN K 55 -18.34 18.46 -28.26
N THR K 56 -19.16 17.41 -28.19
CA THR K 56 -18.84 16.26 -27.36
C THR K 56 -17.61 15.51 -27.85
N ALA K 57 -17.14 15.79 -29.07
CA ALA K 57 -15.92 15.15 -29.56
C ALA K 57 -14.72 15.52 -28.73
N LEU K 58 -14.77 16.63 -27.98
CA LEU K 58 -13.69 17.00 -27.08
C LEU K 58 -13.61 16.10 -25.85
N ALA K 59 -14.58 15.20 -25.66
CA ALA K 59 -14.48 14.23 -24.58
C ALA K 59 -13.34 13.24 -24.79
N ALA K 60 -12.89 13.07 -26.04
CA ALA K 60 -11.76 12.19 -26.31
C ALA K 60 -10.45 12.79 -25.80
N MET K 61 -10.33 14.12 -25.83
CA MET K 61 -9.16 14.78 -25.29
C MET K 61 -8.96 14.38 -23.83
N PRO K 62 -7.76 13.99 -23.42
CA PRO K 62 -7.58 13.48 -22.06
C PRO K 62 -7.74 14.58 -21.02
N GLY K 63 -8.43 14.25 -19.93
CA GLY K 63 -8.71 15.17 -18.85
C GLY K 63 -10.10 15.78 -18.91
N ASN K 64 -10.62 16.00 -20.11
CA ASN K 64 -11.96 16.56 -20.25
C ASN K 64 -12.99 15.59 -19.70
N VAL K 65 -14.15 16.14 -19.31
CA VAL K 65 -15.15 15.36 -18.59
C VAL K 65 -16.50 15.53 -19.29
N PHE K 66 -17.12 14.40 -19.66
CA PHE K 66 -18.44 14.47 -20.28
C PHE K 66 -19.49 14.76 -19.22
N LEU K 67 -20.39 15.69 -19.52
CA LEU K 67 -21.43 16.13 -18.58
C LEU K 67 -22.79 15.96 -19.26
N PRO K 68 -23.59 14.97 -18.84
CA PRO K 68 -24.92 14.79 -19.44
C PRO K 68 -25.82 15.99 -19.22
N ALA K 69 -26.77 16.17 -20.14
CA ALA K 69 -27.73 17.25 -19.98
C ALA K 69 -28.66 17.00 -18.80
N THR K 70 -28.84 15.73 -18.40
CA THR K 70 -29.63 15.44 -17.22
C THR K 70 -28.93 15.88 -15.94
N THR K 71 -27.59 15.80 -15.91
CA THR K 71 -26.87 16.15 -14.69
C THR K 71 -26.49 17.63 -14.69
N THR K 72 -26.19 18.18 -15.86
CA THR K 72 -25.80 19.58 -15.88
C THR K 72 -27.02 20.47 -15.88
N ARG K 73 -28.20 19.88 -16.14
CA ARG K 73 -29.45 20.62 -16.22
C ARG K 73 -29.36 21.76 -17.22
N LEU K 74 -28.41 21.66 -18.15
CA LEU K 74 -28.20 22.70 -19.16
C LEU K 74 -28.31 22.17 -20.57
N PRO K 75 -29.33 22.59 -21.34
CA PRO K 75 -29.42 22.22 -22.77
C PRO K 75 -29.21 20.75 -23.10
N ARG K 76 -28.06 20.45 -23.68
CA ARG K 76 -27.71 19.14 -24.22
C ARG K 76 -26.45 18.61 -23.54
N ASP K 77 -26.06 17.38 -23.90
CA ASP K 77 -24.83 16.82 -23.40
C ASP K 77 -23.65 17.72 -23.76
N SER K 78 -22.70 17.86 -22.83
CA SER K 78 -21.62 18.82 -22.95
C SER K 78 -20.32 18.17 -22.51
N VAL K 79 -19.21 18.91 -22.65
CA VAL K 79 -17.92 18.43 -22.20
C VAL K 79 -17.18 19.57 -21.52
N VAL K 80 -16.72 19.34 -20.30
CA VAL K 80 -15.84 20.26 -19.58
C VAL K 80 -14.42 20.10 -20.14
N ASN K 81 -13.89 21.16 -20.73
CA ASN K 81 -12.55 21.19 -21.31
C ASN K 81 -11.60 21.78 -20.26
N VAL K 82 -10.83 20.91 -19.61
CA VAL K 82 -9.93 21.35 -18.54
C VAL K 82 -8.68 22.04 -19.07
N THR K 83 -8.50 22.09 -20.39
CA THR K 83 -7.41 22.85 -21.00
C THR K 83 -7.82 24.28 -21.33
N ALA K 84 -9.08 24.64 -21.11
CA ALA K 84 -9.63 25.96 -21.40
C ALA K 84 -10.05 26.58 -20.08
N ILE K 85 -9.12 27.29 -19.43
CA ILE K 85 -9.33 27.88 -18.12
C ILE K 85 -9.35 29.39 -18.25
N VAL K 86 -10.37 30.03 -17.66
CA VAL K 86 -10.55 31.47 -17.76
C VAL K 86 -10.79 32.04 -16.37
N THR K 87 -10.35 33.28 -16.17
CA THR K 87 -10.57 34.02 -14.92
C THR K 87 -11.52 35.17 -15.23
N LEU K 88 -12.78 35.00 -14.85
CA LEU K 88 -13.79 36.01 -15.12
C LEU K 88 -14.14 36.77 -13.84
N ASN K 89 -14.45 38.06 -13.99
CA ASN K 89 -14.87 38.86 -12.85
C ASN K 89 -16.20 38.32 -12.32
N LYS K 90 -16.35 38.34 -10.99
CA LYS K 90 -17.55 37.78 -10.39
C LYS K 90 -18.80 38.56 -10.78
N THR K 91 -18.65 39.85 -11.15
CA THR K 91 -19.80 40.65 -11.57
C THR K 91 -20.35 40.19 -12.91
N ASP K 92 -19.49 39.67 -13.78
CA ASP K 92 -19.83 39.15 -15.11
C ASP K 92 -20.59 37.82 -15.06
N LEU K 93 -20.90 37.29 -13.89
CA LEU K 93 -21.62 36.02 -13.81
C LEU K 93 -23.11 36.24 -14.06
N THR K 94 -23.60 35.72 -15.19
CA THR K 94 -24.98 35.91 -15.64
C THR K 94 -25.81 34.62 -15.57
N ASP K 95 -26.70 34.53 -14.56
CA ASP K 95 -27.62 33.39 -14.40
C ASP K 95 -26.90 32.07 -14.15
N ARG K 96 -27.54 31.12 -13.44
CA ARG K 96 -26.97 29.80 -13.19
C ARG K 96 -27.79 28.70 -13.84
N VAL K 97 -27.35 27.45 -13.59
CA VAL K 97 -27.96 26.27 -14.20
C VAL K 97 -27.49 24.97 -13.56
N GLY K 98 -28.11 24.60 -12.43
CA GLY K 98 -27.74 23.35 -11.78
C GLY K 98 -26.30 23.32 -11.30
N GLU K 99 -25.78 22.11 -11.18
CA GLU K 99 -24.47 21.84 -10.62
C GLU K 99 -24.00 20.49 -11.13
N VAL K 100 -22.68 20.31 -11.12
CA VAL K 100 -22.04 19.07 -11.56
C VAL K 100 -21.93 18.11 -10.38
N PRO K 101 -22.38 16.86 -10.54
CA PRO K 101 -22.32 15.87 -9.45
C PRO K 101 -20.92 15.63 -8.87
N ALA K 102 -20.94 15.04 -7.67
CA ALA K 102 -19.72 14.77 -6.92
C ALA K 102 -18.76 13.87 -7.68
N SER K 103 -19.28 12.80 -8.31
CA SER K 103 -18.43 11.86 -9.04
C SER K 103 -17.80 12.54 -10.25
N LEU K 104 -18.60 13.31 -10.99
CA LEU K 104 -18.09 14.02 -12.15
C LEU K 104 -17.18 15.15 -11.74
N MET K 105 -17.45 15.80 -10.60
CA MET K 105 -16.52 16.80 -10.09
C MET K 105 -15.19 16.18 -9.67
N HIS K 106 -15.20 14.94 -9.18
CA HIS K 106 -13.94 14.27 -8.89
C HIS K 106 -13.15 13.99 -10.17
N GLU K 107 -13.86 13.58 -11.22
CA GLU K 107 -13.21 13.41 -12.52
C GLU K 107 -12.63 14.73 -13.02
N VAL K 108 -13.37 15.83 -12.86
CA VAL K 108 -12.89 17.14 -13.24
C VAL K 108 -11.64 17.51 -12.43
N ASP K 109 -11.66 17.23 -11.13
CA ASP K 109 -10.51 17.50 -10.28
C ASP K 109 -9.28 16.77 -10.79
N ARG K 110 -9.44 15.48 -11.11
CA ARG K 110 -8.31 14.70 -11.60
C ARG K 110 -7.78 15.26 -12.92
N GLY K 111 -8.69 15.61 -13.84
CA GLY K 111 -8.27 16.22 -15.09
C GLY K 111 -7.51 17.52 -14.88
N LEU K 112 -8.00 18.37 -13.98
CA LEU K 112 -7.30 19.62 -13.68
C LEU K 112 -5.92 19.36 -13.10
N ARG K 113 -5.82 18.43 -12.15
CA ARG K 113 -4.52 18.09 -11.57
C ARG K 113 -3.56 17.60 -12.65
N ARG K 114 -4.05 16.82 -13.60
CA ARG K 114 -3.20 16.35 -14.69
C ARG K 114 -2.74 17.50 -15.57
N VAL K 115 -3.66 18.39 -15.96
CA VAL K 115 -3.31 19.44 -16.90
C VAL K 115 -2.47 20.53 -16.24
N LEU K 116 -2.47 20.61 -14.91
CA LEU K 116 -1.71 21.63 -14.20
C LEU K 116 -0.54 21.03 -13.42
N ASP K 117 -0.28 19.74 -13.57
CA ASP K 117 0.80 19.04 -12.85
C ASP K 117 0.68 19.25 -11.34
N LEU K 118 -0.52 19.02 -10.83
CA LEU K 118 -0.79 19.19 -9.40
C LEU K 118 -1.20 17.88 -8.74
N SER L 8 7.70 25.30 -21.94
CA SER L 8 7.83 24.37 -20.83
C SER L 8 7.21 24.96 -19.56
N ARG L 9 6.83 24.10 -18.62
CA ARG L 9 6.30 24.57 -17.36
C ARG L 9 7.42 25.22 -16.54
N ALA L 10 7.01 26.07 -15.59
CA ALA L 10 7.88 26.85 -14.73
C ALA L 10 8.60 27.95 -15.51
N GLU L 11 8.41 28.03 -16.82
CA GLU L 11 9.06 29.05 -17.62
C GLU L 11 8.24 30.35 -17.59
N ILE L 12 8.96 31.46 -17.60
CA ILE L 12 8.38 32.80 -17.62
C ILE L 12 8.61 33.39 -18.99
N TYR L 13 7.54 33.95 -19.56
CA TYR L 13 7.56 34.57 -20.88
C TYR L 13 6.98 35.98 -20.73
N TRP L 14 6.77 36.66 -21.85
CA TRP L 14 5.98 37.89 -21.82
C TRP L 14 4.54 37.63 -22.23
N ARG L 29 2.67 40.75 -21.18
CA ARG L 29 2.73 40.84 -19.72
C ARG L 29 3.34 39.58 -19.12
N PRO L 30 4.04 39.73 -18.00
CA PRO L 30 4.75 38.58 -17.42
C PRO L 30 3.79 37.46 -17.10
N VAL L 31 4.11 36.26 -17.59
CA VAL L 31 3.28 35.09 -17.36
C VAL L 31 4.19 33.92 -17.03
N LEU L 32 3.70 33.06 -16.12
CA LEU L 32 4.37 31.85 -15.70
C LEU L 32 3.56 30.67 -16.22
N VAL L 33 4.20 29.81 -17.00
CA VAL L 33 3.50 28.65 -17.55
C VAL L 33 3.24 27.65 -16.44
N ILE L 34 1.97 27.29 -16.25
CA ILE L 34 1.59 26.29 -15.26
C ILE L 34 0.99 25.04 -15.90
N GLN L 35 0.74 25.05 -17.21
CA GLN L 35 0.28 23.86 -17.89
C GLN L 35 1.39 22.81 -17.92
N SER L 36 1.01 21.56 -17.70
CA SER L 36 1.98 20.48 -17.64
C SER L 36 2.65 20.28 -19.00
N ASP L 37 3.90 19.80 -18.96
CA ASP L 37 4.68 19.65 -20.18
C ASP L 37 4.08 18.64 -21.17
N PRO L 38 3.43 17.54 -20.76
CA PRO L 38 2.71 16.71 -21.74
C PRO L 38 1.76 17.52 -22.61
N TYR L 39 0.91 18.36 -22.01
CA TYR L 39 0.00 19.20 -22.80
C TYR L 39 0.75 20.29 -23.54
N ASN L 40 1.86 20.77 -22.98
CA ASN L 40 2.62 21.83 -23.62
C ASN L 40 3.22 21.36 -24.94
N ALA L 41 3.67 20.10 -25.00
CA ALA L 41 4.23 19.59 -26.24
C ALA L 41 3.17 19.17 -27.24
N SER L 42 1.94 18.94 -26.79
CA SER L 42 0.84 18.52 -27.66
C SER L 42 0.45 19.64 -28.62
N ARG L 43 -0.50 19.32 -29.50
CA ARG L 43 -1.01 20.31 -30.44
C ARG L 43 -2.02 21.25 -29.82
N LEU L 44 -2.38 21.06 -28.55
CA LEU L 44 -3.25 22.00 -27.88
C LEU L 44 -2.53 23.35 -27.83
N ALA L 45 -2.95 24.28 -28.67
CA ALA L 45 -2.30 25.58 -28.73
C ALA L 45 -2.53 26.36 -27.45
N THR L 46 -3.55 26.00 -26.70
CA THR L 46 -3.92 26.75 -25.51
C THR L 46 -2.98 26.33 -24.39
N VAL L 47 -2.20 27.29 -23.89
CA VAL L 47 -1.30 27.07 -22.76
C VAL L 47 -1.81 27.89 -21.57
N ILE L 48 -1.98 27.23 -20.45
CA ILE L 48 -2.51 27.84 -19.24
C ILE L 48 -1.36 28.49 -18.49
N ALA L 49 -1.57 29.70 -18.01
CA ALA L 49 -0.50 30.43 -17.33
C ALA L 49 -1.09 31.30 -16.24
N ALA L 50 -0.26 31.59 -15.24
CA ALA L 50 -0.60 32.52 -14.17
C ALA L 50 0.05 33.87 -14.44
N VAL L 51 -0.69 34.94 -14.16
CA VAL L 51 -0.20 36.28 -14.41
C VAL L 51 0.75 36.69 -13.30
N ILE L 52 1.83 37.37 -13.68
CA ILE L 52 2.81 37.90 -12.74
C ILE L 52 2.68 39.41 -12.76
N THR L 53 2.41 40.00 -11.60
CA THR L 53 2.25 41.44 -11.48
C THR L 53 3.51 42.04 -10.89
N SER L 54 3.71 43.33 -11.16
CA SER L 54 4.82 44.05 -10.54
C SER L 54 4.41 44.74 -9.24
N ASN L 55 3.12 44.80 -8.96
CA ASN L 55 2.62 45.32 -7.68
C ASN L 55 2.87 44.28 -6.60
N THR L 56 3.99 44.43 -5.89
CA THR L 56 4.37 43.45 -4.87
C THR L 56 3.39 43.40 -3.71
N ALA L 57 2.49 44.37 -3.59
CA ALA L 57 1.50 44.35 -2.52
C ALA L 57 0.58 43.15 -2.62
N LEU L 58 0.46 42.55 -3.82
CA LEU L 58 -0.34 41.35 -3.98
C LEU L 58 0.31 40.12 -3.35
N ALA L 59 1.55 40.23 -2.86
CA ALA L 59 2.17 39.14 -2.14
C ALA L 59 1.47 38.84 -0.83
N ALA L 60 0.74 39.81 -0.27
CA ALA L 60 -0.02 39.57 0.96
C ALA L 60 -1.22 38.66 0.70
N MET L 61 -1.81 38.75 -0.49
CA MET L 61 -2.92 37.87 -0.85
C MET L 61 -2.49 36.41 -0.72
N PRO L 62 -3.28 35.56 -0.06
CA PRO L 62 -2.83 34.18 0.19
C PRO L 62 -2.76 33.37 -1.09
N GLY L 63 -1.68 32.59 -1.21
CA GLY L 63 -1.42 31.77 -2.37
C GLY L 63 -0.45 32.39 -3.35
N ASN L 64 -0.46 33.71 -3.48
CA ASN L 64 0.45 34.39 -4.38
C ASN L 64 1.89 34.21 -3.92
N VAL L 65 2.83 34.32 -4.86
CA VAL L 65 4.22 33.98 -4.58
C VAL L 65 5.12 35.13 -5.00
N PHE L 66 5.92 35.64 -4.07
CA PHE L 66 6.86 36.71 -4.38
C PHE L 66 8.05 36.16 -5.14
N LEU L 67 8.45 36.84 -6.22
CA LEU L 67 9.56 36.42 -7.07
C LEU L 67 10.54 37.57 -7.20
N PRO L 68 11.71 37.50 -6.54
CA PRO L 68 12.72 38.54 -6.71
C PRO L 68 13.21 38.63 -8.15
N ALA L 69 13.65 39.83 -8.53
CA ALA L 69 14.16 40.04 -9.89
C ALA L 69 15.48 39.32 -10.12
N THR L 70 16.25 39.04 -9.07
CA THR L 70 17.45 38.23 -9.21
C THR L 70 17.12 36.79 -9.57
N THR L 71 15.91 36.35 -9.27
CA THR L 71 15.49 34.98 -9.46
C THR L 71 14.89 34.73 -10.85
N THR L 72 14.20 35.73 -11.41
CA THR L 72 13.46 35.57 -12.65
C THR L 72 14.13 36.22 -13.87
N ARG L 73 15.19 37.00 -13.67
CA ARG L 73 15.79 37.83 -14.72
C ARG L 73 14.79 38.83 -15.28
N LEU L 74 13.75 39.15 -14.51
CA LEU L 74 12.78 40.16 -14.86
C LEU L 74 13.29 41.54 -14.45
N PRO L 75 12.76 42.61 -15.07
CA PRO L 75 13.19 43.96 -14.68
C PRO L 75 13.07 44.23 -13.18
N ARG L 76 11.90 44.02 -12.59
CA ARG L 76 11.65 44.35 -11.20
C ARG L 76 11.20 43.11 -10.43
N ASP L 77 11.10 43.27 -9.12
CA ASP L 77 10.48 42.26 -8.28
C ASP L 77 9.02 42.06 -8.67
N SER L 78 8.55 40.82 -8.59
CA SER L 78 7.23 40.47 -9.11
C SER L 78 6.49 39.60 -8.10
N VAL L 79 5.23 39.34 -8.41
CA VAL L 79 4.39 38.44 -7.63
C VAL L 79 3.57 37.60 -8.59
N VAL L 80 3.63 36.28 -8.43
CA VAL L 80 2.76 35.37 -9.15
C VAL L 80 1.38 35.40 -8.48
N ASN L 81 0.37 35.84 -9.24
CA ASN L 81 -1.01 35.93 -8.78
C ASN L 81 -1.71 34.65 -9.21
N VAL L 82 -1.88 33.72 -8.26
CA VAL L 82 -2.49 32.43 -8.58
C VAL L 82 -4.00 32.50 -8.72
N THR L 83 -4.60 33.65 -8.42
CA THR L 83 -6.03 33.86 -8.65
C THR L 83 -6.32 34.44 -10.03
N ALA L 84 -5.29 34.76 -10.80
CA ALA L 84 -5.42 35.35 -12.14
C ALA L 84 -4.83 34.34 -13.12
N ILE L 85 -5.66 33.44 -13.62
CA ILE L 85 -5.25 32.36 -14.50
C ILE L 85 -5.81 32.63 -15.88
N VAL L 86 -4.97 32.53 -16.90
CA VAL L 86 -5.34 32.83 -18.27
C VAL L 86 -4.93 31.68 -19.17
N THR L 87 -5.72 31.46 -20.22
CA THR L 87 -5.43 30.44 -21.24
C THR L 87 -5.12 31.17 -22.54
N LEU L 88 -3.84 31.17 -22.93
CA LEU L 88 -3.38 31.88 -24.12
C LEU L 88 -2.97 30.87 -25.20
N ASN L 89 -2.94 31.37 -26.43
CA ASN L 89 -2.44 30.56 -27.54
C ASN L 89 -0.92 30.48 -27.47
N LYS L 90 -0.39 29.33 -27.91
CA LYS L 90 1.06 29.12 -27.88
C LYS L 90 1.78 30.17 -28.72
N THR L 91 1.11 30.72 -29.74
CA THR L 91 1.73 31.75 -30.56
C THR L 91 1.89 33.06 -29.79
N ASP L 92 0.99 33.32 -28.83
CA ASP L 92 1.04 34.58 -28.09
C ASP L 92 2.28 34.69 -27.19
N LEU L 93 2.94 33.57 -26.89
CA LEU L 93 4.14 33.60 -26.06
C LEU L 93 5.32 34.07 -26.91
N THR L 94 5.89 35.22 -26.54
CA THR L 94 6.96 35.79 -27.34
C THR L 94 8.31 35.56 -26.66
N ASP L 95 9.00 36.65 -26.32
CA ASP L 95 10.30 36.54 -25.68
C ASP L 95 10.17 35.74 -24.39
N ARG L 96 11.08 34.78 -24.20
CA ARG L 96 11.14 34.08 -22.94
C ARG L 96 12.01 34.85 -21.96
N VAL L 97 11.57 34.88 -20.71
CA VAL L 97 12.25 35.62 -19.66
C VAL L 97 13.15 34.71 -18.83
N GLY L 98 12.71 33.47 -18.62
CA GLY L 98 13.54 32.61 -17.78
C GLY L 98 12.70 31.52 -17.13
N GLU L 99 13.15 31.06 -15.97
CA GLU L 99 12.48 29.97 -15.28
C GLU L 99 12.44 30.25 -13.79
N VAL L 100 11.39 29.75 -13.14
CA VAL L 100 11.19 29.93 -11.71
C VAL L 100 11.85 28.74 -10.99
N PRO L 101 12.74 28.98 -10.05
CA PRO L 101 13.36 27.87 -9.31
C PRO L 101 12.36 26.99 -8.58
N ALA L 102 12.86 25.82 -8.18
CA ALA L 102 12.03 24.77 -7.60
C ALA L 102 11.27 25.23 -6.35
N SER L 103 11.92 25.98 -5.45
CA SER L 103 11.26 26.37 -4.20
C SER L 103 10.04 27.26 -4.47
N LEU L 104 10.22 28.27 -5.32
CA LEU L 104 9.11 29.16 -5.62
C LEU L 104 8.07 28.45 -6.48
N MET L 105 8.48 27.53 -7.34
CA MET L 105 7.51 26.74 -8.10
C MET L 105 6.69 25.82 -7.20
N HIS L 106 7.29 25.31 -6.11
CA HIS L 106 6.54 24.53 -5.14
C HIS L 106 5.53 25.39 -4.40
N GLU L 107 5.93 26.62 -4.04
CA GLU L 107 4.98 27.55 -3.43
C GLU L 107 3.83 27.87 -4.39
N VAL L 108 4.15 28.06 -5.67
CA VAL L 108 3.13 28.31 -6.69
C VAL L 108 2.18 27.13 -6.81
N ASP L 109 2.73 25.90 -6.83
CA ASP L 109 1.89 24.71 -6.89
C ASP L 109 0.93 24.64 -5.70
N ARG L 110 1.45 24.89 -4.50
CA ARG L 110 0.60 24.85 -3.32
C ARG L 110 -0.49 25.91 -3.37
N GLY L 111 -0.13 27.13 -3.79
CA GLY L 111 -1.13 28.18 -3.94
C GLY L 111 -2.19 27.84 -4.97
N LEU L 112 -1.78 27.26 -6.10
CA LEU L 112 -2.74 26.86 -7.13
C LEU L 112 -3.69 25.79 -6.61
N ARG L 113 -3.14 24.77 -5.94
CA ARG L 113 -3.99 23.73 -5.36
C ARG L 113 -4.95 24.31 -4.34
N ARG L 114 -4.51 25.30 -3.57
CA ARG L 114 -5.39 25.94 -2.59
C ARG L 114 -6.52 26.69 -3.28
N VAL L 115 -6.19 27.51 -4.29
CA VAL L 115 -7.21 28.34 -4.93
C VAL L 115 -8.13 27.54 -5.84
N LEU L 116 -7.73 26.34 -6.28
CA LEU L 116 -8.56 25.52 -7.15
C LEU L 116 -9.10 24.26 -6.48
N ASP L 117 -8.81 24.05 -5.18
CA ASP L 117 -9.27 22.88 -4.45
C ASP L 117 -8.87 21.59 -5.20
N LEU L 118 -7.59 21.53 -5.55
CA LEU L 118 -7.01 20.45 -6.33
C LEU L 118 -5.98 19.70 -5.50
#